data_4J2U
#
_entry.id   4J2U
#
_cell.length_a   155.336
_cell.length_b   54.318
_cell.length_c   103.460
_cell.angle_alpha   90.00
_cell.angle_beta   123.82
_cell.angle_gamma   90.00
#
_symmetry.space_group_name_H-M   'C 1 2 1'
#
loop_
_entity.id
_entity.type
_entity.pdbx_description
1 polymer 'Enoyl-CoA hydratase'
2 water water
#
_entity_poly.entity_id   1
_entity_poly.type   'polypeptide(L)'
_entity_poly.pdbx_seq_one_letter_code
;(MSE)HHHHHHSSGVDLGTENLYFQS(MSE)SDVLIRKVRRAGRITLSRPAALNALTCA(MSE)VQEIDAALRGWIGDPE
VELVVIDAEGPRAFCAGGDIAELHGRGVAGDHAFGQDFWRVEYR(MSE)NDRIAAFPKPIVSL(MSE)QGFT(MSE)GGG
VGLGCHARHRIVGETSQIS(MSE)PECAIGLVPDVGGTHLLARAPGRIGVWLGLTGAR(MSE)GPGDAIFAGFADRFVPE
ADWPDLIAALEGGDLALPDHAAPEGRLPVLQDEIDRLFAGTLAEIPARLEATDTPLAAEALKALRRSSPLALAATLEILQ
RLGPSAGIREALDLEYRFTYRAQGQADFLEGIRAAIIDKDRSPRWRHGDPEAVRPEEVASLLAPLGPQALTFEEESK
;
_entity_poly.pdbx_strand_id   A,B
#
# COMPACT_ATOMS: atom_id res chain seq x y z
N ASN A 17 -13.31 15.29 41.83
CA ASN A 17 -14.27 16.41 41.72
C ASN A 17 -13.90 17.08 40.47
N LEU A 18 -14.89 17.64 39.83
CA LEU A 18 -14.64 18.66 38.82
C LEU A 18 -14.18 19.98 39.45
N TYR A 19 -14.54 20.17 40.71
CA TYR A 19 -14.09 21.33 41.48
C TYR A 19 -12.55 21.29 41.69
N PHE A 20 -12.04 20.13 42.08
CA PHE A 20 -10.59 19.91 42.27
C PHE A 20 -9.77 19.90 40.94
N GLN A 21 -10.50 19.79 39.83
CA GLN A 21 -9.93 19.85 38.50
C GLN A 21 -10.28 21.17 37.82
N SER A 22 -10.66 22.18 38.58
CA SER A 22 -11.03 23.38 37.92
C SER A 22 -9.78 24.10 37.37
N SER A 24 -7.22 22.05 35.99
CA SER A 24 -6.57 20.98 35.22
C SER A 24 -6.79 21.16 33.70
N ASP A 25 -5.82 20.71 32.92
CA ASP A 25 -5.88 20.91 31.46
C ASP A 25 -6.77 19.86 30.73
N VAL A 26 -7.16 18.80 31.45
CA VAL A 26 -8.07 17.78 30.95
C VAL A 26 -8.94 17.34 32.12
N LEU A 27 -10.24 17.23 31.86
CA LEU A 27 -11.24 16.76 32.80
C LEU A 27 -11.52 15.24 32.60
N ILE A 28 -11.25 14.48 33.65
CA ILE A 28 -11.27 13.03 33.63
C ILE A 28 -12.26 12.60 34.72
N ARG A 29 -13.32 11.89 34.35
CA ARG A 29 -14.35 11.50 35.33
C ARG A 29 -15.36 10.54 34.75
N LYS A 30 -16.13 9.89 35.62
CA LYS A 30 -17.26 9.09 35.14
C LYS A 30 -18.54 9.80 35.30
N VAL A 31 -19.37 9.69 34.29
CA VAL A 31 -20.67 10.28 34.32
C VAL A 31 -21.61 9.12 33.94
N ARG A 32 -22.44 8.66 34.88
CA ARG A 32 -23.35 7.52 34.62
C ARG A 32 -22.56 6.33 34.05
N ARG A 33 -22.90 5.83 32.86
CA ARG A 33 -22.24 4.63 32.28
C ARG A 33 -20.93 4.89 31.56
N ALA A 34 -20.47 6.14 31.51
CA ALA A 34 -19.36 6.52 30.65
C ALA A 34 -18.19 7.14 31.37
N GLY A 35 -17.01 6.71 30.97
CA GLY A 35 -15.80 7.41 31.30
C GLY A 35 -15.74 8.63 30.41
N ARG A 36 -15.42 9.78 30.98
CA ARG A 36 -15.48 11.01 30.22
C ARG A 36 -14.18 11.74 30.29
N ILE A 37 -13.68 12.09 29.10
CA ILE A 37 -12.48 12.88 28.89
C ILE A 37 -12.84 14.15 28.13
N THR A 38 -12.63 15.30 28.74
CA THR A 38 -12.89 16.57 28.11
C THR A 38 -11.61 17.39 28.18
N LEU A 39 -11.02 17.67 27.03
CA LEU A 39 -9.89 18.60 26.96
C LEU A 39 -10.40 19.99 27.48
N SER A 40 -9.66 20.60 28.42
CA SER A 40 -10.11 21.84 29.10
C SER A 40 -9.03 22.91 29.14
N ARG A 41 -8.50 23.18 27.94
CA ARG A 41 -7.44 24.17 27.75
C ARG A 41 -7.73 25.00 26.50
N PRO A 42 -8.94 25.57 26.41
CA PRO A 42 -9.32 26.17 25.14
C PRO A 42 -8.46 27.37 24.74
N ALA A 43 -7.77 27.99 25.69
CA ALA A 43 -6.97 29.18 25.39
C ALA A 43 -5.75 28.83 24.59
N ALA A 44 -5.29 27.58 24.69
CA ALA A 44 -4.15 27.07 23.87
C ALA A 44 -4.61 26.05 22.83
N LEU A 45 -5.86 26.21 22.42
CA LEU A 45 -6.54 25.37 21.49
C LEU A 45 -6.49 23.89 21.86
N ASN A 46 -6.39 23.62 23.17
CA ASN A 46 -6.39 22.28 23.74
C ASN A 46 -5.19 21.53 23.34
N ALA A 47 -4.07 22.23 23.12
CA ALA A 47 -2.83 21.59 22.77
C ALA A 47 -2.36 20.62 23.83
N LEU A 48 -1.82 19.51 23.38
CA LEU A 48 -1.50 18.43 24.28
C LEU A 48 -0.13 18.54 24.89
N THR A 49 -0.11 18.40 26.20
CA THR A 49 1.09 18.35 26.98
C THR A 49 1.37 16.92 27.40
N CYS A 50 2.63 16.63 27.72
CA CYS A 50 3.03 15.37 28.38
C CYS A 50 2.05 14.92 29.46
N ALA A 51 1.66 15.85 30.33
CA ALA A 51 0.86 15.55 31.52
C ALA A 51 -0.53 15.14 31.16
N VAL A 53 -1.37 13.77 28.34
CA VAL A 53 -1.32 12.49 27.64
C VAL A 53 -1.17 11.38 28.71
N GLN A 54 -0.33 11.63 29.70
CA GLN A 54 -0.15 10.66 30.82
C GLN A 54 -1.43 10.38 31.53
N GLU A 55 -2.18 11.41 31.86
CA GLU A 55 -3.47 11.34 32.55
C GLU A 55 -4.58 10.68 31.77
N ILE A 56 -4.62 10.96 30.48
CA ILE A 56 -5.60 10.31 29.64
C ILE A 56 -5.30 8.85 29.55
N ASP A 57 -4.05 8.50 29.36
CA ASP A 57 -3.71 7.07 29.20
C ASP A 57 -3.97 6.27 30.50
N ALA A 58 -3.54 6.82 31.66
CA ALA A 58 -3.91 6.25 33.00
C ALA A 58 -5.41 6.08 33.12
N ALA A 59 -6.20 7.09 32.74
CA ALA A 59 -7.66 6.92 32.94
C ALA A 59 -8.20 5.79 32.13
N LEU A 60 -7.84 5.76 30.85
CA LEU A 60 -8.27 4.72 29.96
C LEU A 60 -7.84 3.33 30.53
N ARG A 61 -6.60 3.23 30.91
CA ARG A 61 -6.10 1.95 31.41
C ARG A 61 -6.95 1.47 32.60
N GLY A 62 -7.24 2.36 33.52
CA GLY A 62 -8.09 2.03 34.68
C GLY A 62 -9.54 1.73 34.36
N TRP A 63 -10.04 2.28 33.24
CA TRP A 63 -11.41 2.00 32.87
C TRP A 63 -11.60 0.62 32.19
N ILE A 64 -10.52 0.01 31.72
CA ILE A 64 -10.58 -1.31 31.12
C ILE A 64 -11.28 -2.32 32.03
N GLY A 65 -10.83 -2.37 33.29
CA GLY A 65 -11.39 -3.26 34.28
C GLY A 65 -12.61 -2.74 35.03
N ASP A 66 -12.90 -1.46 34.97
CA ASP A 66 -14.04 -0.96 35.71
C ASP A 66 -15.40 -1.32 35.07
N PRO A 67 -16.19 -2.22 35.71
CA PRO A 67 -17.44 -2.62 35.09
C PRO A 67 -18.51 -1.55 35.09
N GLU A 68 -18.35 -0.49 35.85
CA GLU A 68 -19.25 0.63 35.73
C GLU A 68 -19.02 1.45 34.41
N VAL A 69 -17.88 1.25 33.76
CA VAL A 69 -17.64 2.00 32.56
C VAL A 69 -18.08 1.15 31.40
N GLU A 70 -19.14 1.55 30.71
CA GLU A 70 -19.58 0.76 29.57
C GLU A 70 -19.04 1.32 28.24
N LEU A 71 -18.54 2.55 28.28
CA LEU A 71 -18.01 3.22 27.07
C LEU A 71 -17.26 4.51 27.51
N VAL A 72 -16.44 5.06 26.61
CA VAL A 72 -15.74 6.32 26.84
C VAL A 72 -16.18 7.33 25.75
N VAL A 73 -16.44 8.55 26.18
CA VAL A 73 -16.68 9.66 25.29
C VAL A 73 -15.59 10.70 25.52
N ILE A 74 -14.93 11.10 24.43
CA ILE A 74 -13.87 12.11 24.42
C ILE A 74 -14.38 13.35 23.64
N ASP A 75 -14.27 14.52 24.28
CA ASP A 75 -14.73 15.79 23.76
C ASP A 75 -13.78 16.86 24.23
N ALA A 76 -14.14 18.13 24.04
CA ALA A 76 -13.19 19.21 24.27
C ALA A 76 -13.95 20.52 24.32
N GLU A 77 -13.41 21.46 25.10
CA GLU A 77 -14.05 22.77 25.31
C GLU A 77 -13.62 23.73 24.26
N GLY A 78 -14.56 24.60 23.87
CA GLY A 78 -14.20 25.74 23.03
C GLY A 78 -14.69 25.46 21.64
N PRO A 79 -14.98 26.50 20.88
CA PRO A 79 -15.63 26.26 19.62
C PRO A 79 -14.56 26.18 18.51
N ARG A 80 -13.38 26.73 18.77
CA ARG A 80 -12.33 26.80 17.75
C ARG A 80 -11.62 25.47 17.43
N ALA A 81 -11.50 24.56 18.43
CA ALA A 81 -10.62 23.42 18.26
C ALA A 81 -10.83 22.30 19.26
N PHE A 82 -11.27 21.14 18.75
CA PHE A 82 -11.06 19.90 19.44
C PHE A 82 -9.64 19.85 20.04
N CYS A 83 -8.61 19.89 19.20
CA CYS A 83 -7.25 19.83 19.68
C CYS A 83 -6.35 20.15 18.52
N ALA A 84 -5.55 21.20 18.62
CA ALA A 84 -4.77 21.66 17.47
C ALA A 84 -3.34 21.08 17.33
N GLY A 85 -2.94 20.22 18.24
CA GLY A 85 -1.66 19.59 18.12
C GLY A 85 -1.03 19.36 19.47
N GLY A 86 0.18 18.80 19.45
CA GLY A 86 1.03 18.78 20.63
C GLY A 86 1.51 20.19 21.02
N ASP A 87 1.70 20.40 22.32
CA ASP A 87 2.30 21.63 22.78
C ASP A 87 3.81 21.45 22.70
N ILE A 88 4.36 21.83 21.57
CA ILE A 88 5.64 21.34 21.12
C ILE A 88 6.76 22.33 21.32
N ALA A 89 6.41 23.57 21.68
CA ALA A 89 7.40 24.54 22.09
C ALA A 89 8.33 23.97 23.23
N GLU A 90 7.73 23.21 24.18
CA GLU A 90 8.43 22.35 25.20
C GLU A 90 9.74 21.73 24.62
N LEU A 91 9.55 21.14 23.44
CA LEU A 91 10.46 20.18 22.85
C LEU A 91 11.64 20.88 22.16
N HIS A 92 11.47 22.09 21.61
CA HIS A 92 12.61 22.83 20.97
C HIS A 92 13.72 23.21 21.96
N GLY A 93 13.32 23.78 23.11
CA GLY A 93 14.29 24.20 24.15
C GLY A 93 15.14 23.00 24.57
N ARG A 94 14.51 22.10 25.32
CA ARG A 94 15.06 20.78 25.65
C ARG A 94 15.30 19.97 24.38
N GLY A 95 16.24 20.36 23.54
CA GLY A 95 16.22 19.88 22.15
C GLY A 95 17.40 20.39 21.37
N VAL A 96 17.42 21.70 21.08
CA VAL A 96 18.63 22.35 20.47
C VAL A 96 19.78 22.33 21.46
N ALA A 97 19.44 22.13 22.74
CA ALA A 97 20.42 22.02 23.81
C ALA A 97 21.10 20.62 23.89
N GLY A 98 20.67 19.68 23.04
CA GLY A 98 21.20 18.30 23.01
C GLY A 98 20.37 17.28 23.80
N ASP A 99 19.42 17.74 24.61
CA ASP A 99 18.50 16.82 25.34
C ASP A 99 17.33 16.34 24.44
N HIS A 100 17.65 15.39 23.57
CA HIS A 100 16.67 14.74 22.68
C HIS A 100 15.71 13.82 23.46
N ALA A 101 16.17 13.35 24.64
CA ALA A 101 15.43 12.40 25.47
C ALA A 101 14.02 12.87 25.83
N PHE A 102 13.84 14.17 26.08
CA PHE A 102 12.49 14.70 26.40
C PHE A 102 11.49 14.30 25.29
N GLY A 103 11.81 14.64 24.04
CA GLY A 103 10.87 14.31 22.90
C GLY A 103 10.64 12.82 22.73
N GLN A 104 11.76 12.07 22.77
CA GLN A 104 11.72 10.60 22.66
C GLN A 104 10.83 9.95 23.66
N ASP A 105 10.96 10.37 24.91
CA ASP A 105 10.03 9.88 25.95
C ASP A 105 8.64 10.29 25.74
N PHE A 106 8.40 11.58 25.46
CA PHE A 106 7.02 12.03 25.19
C PHE A 106 6.34 11.19 24.06
N TRP A 107 6.98 11.06 22.92
CA TRP A 107 6.38 10.29 21.85
C TRP A 107 6.08 8.85 22.24
N ARG A 108 6.92 8.30 23.11
CA ARG A 108 6.76 6.94 23.52
C ARG A 108 5.44 6.78 24.26
N VAL A 109 5.21 7.64 25.23
CA VAL A 109 3.96 7.53 25.96
C VAL A 109 2.77 7.95 25.13
N GLU A 110 2.97 8.94 24.27
CA GLU A 110 1.85 9.35 23.38
C GLU A 110 1.42 8.22 22.45
N TYR A 111 2.38 7.56 21.84
CA TYR A 111 2.04 6.54 20.87
C TYR A 111 1.38 5.34 21.57
N ARG A 112 1.80 5.06 22.79
CA ARG A 112 1.10 4.05 23.59
C ARG A 112 -0.35 4.35 23.85
N ASN A 114 -2.22 6.38 21.89
CA ASN A 114 -2.86 6.25 20.62
C ASN A 114 -3.26 4.79 20.33
N ASP A 115 -2.32 3.88 20.57
CA ASP A 115 -2.62 2.48 20.46
C ASP A 115 -3.69 2.05 21.45
N ARG A 116 -3.68 2.57 22.69
CA ARG A 116 -4.68 2.17 23.72
C ARG A 116 -6.05 2.52 23.29
N ILE A 117 -6.19 3.73 22.73
CA ILE A 117 -7.46 4.13 22.23
C ILE A 117 -7.91 3.27 21.07
N ALA A 118 -7.03 3.04 20.10
CA ALA A 118 -7.40 2.26 18.90
C ALA A 118 -7.93 0.89 19.18
N ALA A 119 -7.25 0.16 20.04
CA ALA A 119 -7.68 -1.20 20.31
C ALA A 119 -8.46 -1.33 21.62
N PHE A 120 -9.00 -0.24 22.13
CA PHE A 120 -9.71 -0.28 23.40
C PHE A 120 -10.85 -1.30 23.34
N PRO A 121 -10.98 -2.14 24.40
CA PRO A 121 -12.00 -3.22 24.41
C PRO A 121 -13.43 -2.74 24.55
N LYS A 122 -13.64 -1.51 25.00
CA LYS A 122 -14.96 -0.96 25.08
C LYS A 122 -15.17 0.17 24.08
N PRO A 123 -16.43 0.47 23.73
CA PRO A 123 -16.65 1.49 22.70
C PRO A 123 -16.13 2.87 23.11
N ILE A 124 -15.39 3.57 22.23
CA ILE A 124 -14.98 4.95 22.43
C ILE A 124 -15.56 5.83 21.32
N VAL A 125 -16.21 6.93 21.75
CA VAL A 125 -16.81 7.94 20.81
C VAL A 125 -16.00 9.21 21.05
N SER A 126 -15.57 9.81 19.92
CA SER A 126 -14.89 11.03 19.81
C SER A 126 -15.89 12.03 19.17
N LEU A 127 -15.90 13.28 19.61
CA LEU A 127 -16.69 14.40 19.04
C LEU A 127 -15.79 15.59 18.83
N GLN A 129 -15.02 19.11 17.17
CA GLN A 129 -15.38 20.37 16.58
C GLN A 129 -14.12 21.06 16.11
N GLY A 130 -14.29 22.00 15.16
CA GLY A 130 -13.20 22.90 14.82
C GLY A 130 -11.94 22.19 14.36
N PHE A 131 -10.80 22.78 14.71
CA PHE A 131 -9.55 22.33 14.25
C PHE A 131 -9.20 21.03 15.00
N THR A 132 -8.86 19.98 14.26
CA THR A 132 -8.10 18.78 14.80
C THR A 132 -6.86 18.53 13.93
N GLY A 134 -2.44 17.14 14.03
CA GLY A 134 -1.25 16.67 14.76
C GLY A 134 -1.69 15.76 15.86
N GLY A 135 -1.24 16.01 17.06
CA GLY A 135 -1.61 15.17 18.18
C GLY A 135 -3.07 15.01 18.32
N GLY A 136 -3.86 16.02 17.92
CA GLY A 136 -5.27 15.89 18.04
C GLY A 136 -5.90 14.76 17.26
N VAL A 137 -5.33 14.49 16.10
CA VAL A 137 -5.72 13.34 15.30
C VAL A 137 -5.50 12.07 16.12
N GLY A 138 -4.38 12.03 16.80
CA GLY A 138 -4.04 10.83 17.63
C GLY A 138 -4.99 10.56 18.71
N LEU A 139 -5.58 11.62 19.23
CA LEU A 139 -6.49 11.51 20.28
C LEU A 139 -7.88 11.16 19.83
N GLY A 140 -8.36 11.73 18.73
CA GLY A 140 -9.74 11.54 18.37
C GLY A 140 -9.93 10.59 17.22
N CYS A 141 -8.99 10.48 16.30
CA CYS A 141 -9.30 9.80 15.03
C CYS A 141 -9.02 8.33 15.07
N HIS A 142 -8.58 7.80 16.22
CA HIS A 142 -8.53 6.36 16.40
C HIS A 142 -9.68 5.76 17.17
N ALA A 143 -10.56 6.57 17.68
CA ALA A 143 -11.74 6.07 18.31
C ALA A 143 -12.60 5.23 17.37
N ARG A 144 -13.41 4.37 17.97
CA ARG A 144 -14.28 3.50 17.20
C ARG A 144 -15.41 4.26 16.53
N HIS A 145 -15.88 5.37 17.13
CA HIS A 145 -17.00 6.17 16.63
C HIS A 145 -16.63 7.58 16.65
N ARG A 146 -16.39 8.17 15.48
CA ARG A 146 -15.75 9.48 15.43
C ARG A 146 -16.76 10.41 14.76
N ILE A 147 -17.17 11.41 15.49
CA ILE A 147 -18.17 12.35 15.04
C ILE A 147 -17.57 13.67 14.72
N VAL A 148 -17.91 14.16 13.53
CA VAL A 148 -17.60 15.51 13.07
C VAL A 148 -18.87 16.35 12.89
N GLY A 149 -18.67 17.66 12.90
CA GLY A 149 -19.75 18.61 12.81
C GLY A 149 -19.46 19.63 11.77
N GLU A 150 -20.17 20.73 11.83
CA GLU A 150 -20.09 21.69 10.77
C GLU A 150 -18.77 22.41 10.81
N THR A 151 -18.19 22.70 11.95
CA THR A 151 -16.95 23.47 12.00
C THR A 151 -15.59 22.65 11.88
N SER A 152 -15.71 21.34 11.73
CA SER A 152 -14.60 20.37 11.85
C SER A 152 -13.69 20.59 10.64
N GLN A 153 -12.42 20.79 10.91
CA GLN A 153 -11.38 20.82 9.89
C GLN A 153 -10.19 20.01 10.42
N ILE A 154 -9.78 18.99 9.68
CA ILE A 154 -8.77 18.04 10.11
C ILE A 154 -7.65 18.11 9.10
N SER A 155 -6.42 18.20 9.59
CA SER A 155 -5.24 18.09 8.76
C SER A 155 -4.01 17.55 9.57
N PRO A 157 -0.34 18.64 9.29
CA PRO A 157 0.57 19.52 8.60
C PRO A 157 2.02 19.39 9.09
N GLU A 158 2.39 18.19 9.52
CA GLU A 158 3.69 17.96 10.13
C GLU A 158 4.90 18.24 9.24
N CYS A 159 4.85 17.88 7.96
CA CYS A 159 5.99 18.08 7.10
C CYS A 159 6.42 19.55 7.02
N ALA A 160 5.49 20.47 7.20
CA ALA A 160 5.79 21.91 7.17
C ALA A 160 6.74 22.33 8.31
N ILE A 161 6.79 21.49 9.36
CA ILE A 161 7.66 21.67 10.51
C ILE A 161 8.82 20.66 10.62
N GLY A 162 9.02 19.83 9.60
CA GLY A 162 10.14 18.93 9.63
C GLY A 162 9.90 17.61 10.30
N LEU A 163 8.64 17.27 10.55
CA LEU A 163 8.26 15.93 10.99
C LEU A 163 7.34 15.20 9.99
N VAL A 164 7.23 13.88 10.16
CA VAL A 164 6.29 13.07 9.49
C VAL A 164 5.03 13.18 10.31
N PRO A 165 3.87 12.94 9.69
CA PRO A 165 2.68 12.82 10.47
C PRO A 165 2.82 11.65 11.41
N ASP A 166 2.53 11.85 12.68
CA ASP A 166 2.77 10.76 13.64
C ASP A 166 1.48 10.51 14.34
N VAL A 167 1.58 10.04 15.57
CA VAL A 167 0.42 9.62 16.39
C VAL A 167 -0.59 8.68 15.71
N GLY A 168 -0.06 7.85 14.81
CA GLY A 168 -0.88 6.90 14.08
C GLY A 168 -1.48 7.53 12.82
N GLY A 169 -1.19 8.79 12.64
CA GLY A 169 -1.51 9.54 11.41
C GLY A 169 -1.25 8.78 10.16
N THR A 170 -0.08 8.13 10.10
CA THR A 170 0.25 7.41 8.90
C THR A 170 -0.64 6.22 8.64
N HIS A 171 -1.17 5.62 9.69
CA HIS A 171 -2.10 4.50 9.54
C HIS A 171 -3.37 4.98 8.80
N LEU A 172 -3.85 6.12 9.20
CA LEU A 172 -5.10 6.63 8.67
C LEU A 172 -4.87 7.09 7.24
N LEU A 173 -3.75 7.78 7.03
CA LEU A 173 -3.32 8.26 5.71
C LEU A 173 -3.15 7.10 4.72
N ALA A 174 -2.55 6.02 5.20
CA ALA A 174 -2.33 4.90 4.32
C ALA A 174 -3.64 4.18 3.88
N ARG A 175 -4.68 4.33 4.66
CA ARG A 175 -5.91 3.64 4.45
C ARG A 175 -6.87 4.49 3.60
N ALA A 176 -6.55 5.75 3.39
CA ALA A 176 -7.44 6.61 2.68
C ALA A 176 -7.48 6.17 1.21
N PRO A 177 -8.59 6.48 0.54
CA PRO A 177 -8.75 5.88 -0.85
C PRO A 177 -7.69 6.38 -1.85
N GLY A 178 -7.23 5.52 -2.73
CA GLY A 178 -6.28 5.93 -3.78
C GLY A 178 -5.00 6.58 -3.24
N ARG A 179 -4.63 7.72 -3.74
CA ARG A 179 -3.47 8.42 -3.23
C ARG A 179 -3.84 9.61 -2.33
N ILE A 180 -5.03 9.67 -1.85
CA ILE A 180 -5.45 10.79 -0.99
C ILE A 180 -4.51 10.92 0.26
N GLY A 181 -4.07 9.78 0.83
CA GLY A 181 -3.12 9.78 1.96
C GLY A 181 -1.82 10.48 1.60
N VAL A 182 -1.33 10.24 0.40
CA VAL A 182 -0.13 10.92 -0.05
C VAL A 182 -0.34 12.44 -0.09
N TRP A 183 -1.44 12.84 -0.71
CA TRP A 183 -1.72 14.25 -0.88
C TRP A 183 -1.88 14.89 0.45
N LEU A 184 -2.74 14.33 1.30
CA LEU A 184 -2.93 14.88 2.69
C LEU A 184 -1.66 14.96 3.49
N GLY A 185 -0.87 13.94 3.32
CA GLY A 185 0.33 13.79 4.12
C GLY A 185 1.52 14.65 3.69
N LEU A 186 1.73 14.78 2.40
CA LEU A 186 2.73 15.63 1.91
C LEU A 186 2.33 17.10 1.84
N THR A 187 1.05 17.41 1.70
CA THR A 187 0.68 18.82 1.56
C THR A 187 0.07 19.45 2.77
N GLY A 188 -0.37 18.70 3.77
CA GLY A 188 -1.02 19.27 4.90
C GLY A 188 -2.43 19.76 4.60
N ALA A 189 -3.00 19.39 3.46
CA ALA A 189 -4.36 19.79 3.07
C ALA A 189 -5.46 19.43 4.09
N ARG A 190 -6.44 20.32 4.17
CA ARG A 190 -7.60 20.25 5.07
C ARG A 190 -8.69 19.33 4.61
N GLY A 192 -12.71 19.01 5.60
CA GLY A 192 -14.00 19.29 6.28
C GLY A 192 -14.66 18.01 6.59
N PRO A 193 -15.85 18.07 7.27
CA PRO A 193 -16.54 16.85 7.80
C PRO A 193 -16.83 15.80 6.75
N GLY A 194 -17.30 16.23 5.58
CA GLY A 194 -17.59 15.26 4.48
C GLY A 194 -16.30 14.54 3.97
N ASP A 195 -15.27 15.31 3.78
CA ASP A 195 -14.00 14.77 3.31
C ASP A 195 -13.28 13.95 4.43
N ALA A 196 -13.40 14.37 5.68
CA ALA A 196 -12.82 13.55 6.79
C ALA A 196 -13.45 12.16 6.80
N ILE A 197 -14.76 12.05 6.65
CA ILE A 197 -15.47 10.74 6.53
C ILE A 197 -15.02 9.97 5.30
N PHE A 198 -15.07 10.61 4.15
CA PHE A 198 -14.65 9.95 2.91
C PHE A 198 -13.24 9.38 3.05
N ALA A 199 -12.33 10.15 3.62
CA ALA A 199 -10.96 9.77 3.72
C ALA A 199 -10.66 8.81 4.88
N GLY A 200 -11.65 8.59 5.75
CA GLY A 200 -11.52 7.64 6.82
C GLY A 200 -10.98 8.17 8.12
N PHE A 201 -10.96 9.48 8.27
CA PHE A 201 -10.63 10.11 9.58
C PHE A 201 -11.76 10.30 10.56
N ALA A 202 -12.97 10.02 10.14
CA ALA A 202 -14.10 10.08 10.98
C ALA A 202 -15.20 9.21 10.34
N ASP A 203 -16.30 9.01 11.06
CA ASP A 203 -17.33 8.07 10.64
C ASP A 203 -18.68 8.76 10.37
N ARG A 204 -19.09 9.75 11.17
CA ARG A 204 -20.46 10.28 11.09
C ARG A 204 -20.47 11.75 11.16
N PHE A 205 -21.39 12.39 10.43
CA PHE A 205 -21.66 13.76 10.64
C PHE A 205 -22.90 13.93 11.55
N VAL A 206 -22.81 14.84 12.50
CA VAL A 206 -23.92 15.14 13.40
C VAL A 206 -23.90 16.64 13.69
N PRO A 207 -25.02 17.34 13.47
CA PRO A 207 -24.97 18.78 13.68
C PRO A 207 -24.49 19.13 15.11
N GLU A 208 -23.69 20.18 15.30
CA GLU A 208 -23.06 20.43 16.58
C GLU A 208 -24.06 20.85 17.72
N ALA A 209 -25.19 21.41 17.30
CA ALA A 209 -26.29 21.77 18.17
C ALA A 209 -26.90 20.54 18.80
N ASP A 210 -26.68 19.37 18.20
CA ASP A 210 -27.21 18.15 18.77
C ASP A 210 -26.28 17.45 19.76
N TRP A 211 -25.10 18.00 19.98
CA TRP A 211 -24.05 17.23 20.64
C TRP A 211 -24.30 17.11 22.16
N PRO A 212 -24.66 18.22 22.83
CA PRO A 212 -25.04 18.08 24.27
C PRO A 212 -26.08 16.97 24.49
N ASP A 213 -27.16 16.95 23.73
CA ASP A 213 -28.07 15.80 23.87
C ASP A 213 -27.42 14.47 23.59
N LEU A 214 -26.62 14.40 22.51
CA LEU A 214 -26.08 13.11 22.14
C LEU A 214 -25.23 12.53 23.23
N ILE A 215 -24.40 13.36 23.81
CA ILE A 215 -23.47 12.96 24.82
C ILE A 215 -24.22 12.53 26.09
N ALA A 216 -25.24 13.29 26.47
CA ALA A 216 -26.13 12.84 27.56
C ALA A 216 -26.66 11.46 27.26
N ALA A 217 -27.07 11.18 26.02
CA ALA A 217 -27.69 9.90 25.71
C ALA A 217 -26.65 8.80 25.81
N LEU A 218 -25.43 9.18 25.45
CA LEU A 218 -24.32 8.22 25.45
C LEU A 218 -23.88 7.90 26.86
N GLU A 219 -23.85 8.94 27.70
CA GLU A 219 -23.57 8.79 29.11
C GLU A 219 -24.55 7.75 29.74
N GLY A 220 -25.77 7.69 29.24
CA GLY A 220 -26.72 6.73 29.71
C GLY A 220 -26.58 5.39 29.03
N GLY A 221 -25.49 5.18 28.30
CA GLY A 221 -25.14 3.85 27.72
C GLY A 221 -25.89 3.45 26.48
N ASP A 222 -26.56 4.40 25.88
CA ASP A 222 -27.23 4.18 24.60
C ASP A 222 -26.20 4.53 23.53
N LEU A 223 -25.70 3.54 22.80
CA LEU A 223 -24.73 3.76 21.74
C LEU A 223 -25.30 4.06 20.35
N ALA A 224 -26.62 4.21 20.23
CA ALA A 224 -27.20 4.56 18.92
C ALA A 224 -26.75 5.97 18.53
N LEU A 225 -26.31 6.14 17.30
CA LEU A 225 -25.88 7.45 16.83
C LEU A 225 -26.80 7.86 15.72
N PRO A 226 -27.20 9.14 15.67
CA PRO A 226 -28.15 9.58 14.67
C PRO A 226 -27.53 9.66 13.26
N ASP A 227 -28.37 9.43 12.27
CA ASP A 227 -27.97 9.32 10.90
C ASP A 227 -28.26 10.60 10.19
N HIS A 228 -27.20 11.25 9.70
CA HIS A 228 -27.31 12.40 8.81
C HIS A 228 -26.32 12.32 7.66
N ALA A 229 -26.68 12.84 6.48
CA ALA A 229 -25.67 13.06 5.42
C ALA A 229 -24.70 14.16 5.82
N ALA A 230 -23.40 13.97 5.59
CA ALA A 230 -22.43 15.07 5.70
C ALA A 230 -22.58 15.96 4.52
N PRO A 231 -22.33 17.26 4.67
CA PRO A 231 -22.13 18.17 3.54
C PRO A 231 -21.07 17.63 2.60
N GLU A 232 -21.30 17.75 1.29
CA GLU A 232 -20.40 17.19 0.30
C GLU A 232 -19.09 17.92 0.40
N GLY A 233 -17.96 17.26 0.14
CA GLY A 233 -16.65 17.94 0.21
C GLY A 233 -16.04 17.96 -1.18
N ARG A 234 -14.73 18.24 -1.28
CA ARG A 234 -14.00 18.27 -2.58
C ARG A 234 -13.40 16.90 -3.01
N LEU A 235 -13.21 15.95 -2.08
CA LEU A 235 -12.45 14.74 -2.37
C LEU A 235 -13.06 13.82 -3.41
N PRO A 236 -14.37 13.60 -3.34
CA PRO A 236 -14.83 12.65 -4.34
C PRO A 236 -14.50 13.13 -5.76
N VAL A 237 -14.65 14.41 -6.04
CA VAL A 237 -14.39 14.83 -7.42
C VAL A 237 -12.87 15.02 -7.70
N LEU A 238 -12.07 15.34 -6.69
CA LEU A 238 -10.60 15.48 -6.85
C LEU A 238 -9.83 14.13 -6.94
N GLN A 239 -10.53 13.06 -6.60
CA GLN A 239 -9.88 11.75 -6.44
C GLN A 239 -9.04 11.33 -7.66
N ASP A 240 -9.65 11.40 -8.85
CA ASP A 240 -8.95 10.95 -10.07
C ASP A 240 -7.63 11.73 -10.30
N GLU A 241 -7.66 13.06 -10.18
CA GLU A 241 -6.47 13.88 -10.34
C GLU A 241 -5.47 13.62 -9.21
N ILE A 242 -5.97 13.45 -7.98
CA ILE A 242 -5.06 13.06 -6.86
C ILE A 242 -4.32 11.75 -7.20
N ASP A 243 -5.07 10.80 -7.74
CA ASP A 243 -4.51 9.50 -8.07
C ASP A 243 -3.44 9.57 -9.21
N ARG A 244 -3.62 10.47 -10.15
CA ARG A 244 -2.67 10.64 -11.23
C ARG A 244 -1.50 11.43 -10.73
N LEU A 245 -1.74 12.48 -9.96
CA LEU A 245 -0.64 13.43 -9.68
C LEU A 245 0.35 12.87 -8.63
N PHE A 246 -0.15 12.08 -7.70
CA PHE A 246 0.66 11.59 -6.56
C PHE A 246 1.08 10.13 -6.66
N ALA A 247 1.13 9.63 -7.89
CA ALA A 247 1.70 8.29 -8.18
C ALA A 247 3.21 8.39 -8.15
N GLY A 248 3.88 7.31 -7.85
CA GLY A 248 5.29 7.28 -8.01
C GLY A 248 6.02 7.90 -6.82
N THR A 249 7.23 8.40 -7.04
CA THR A 249 8.12 8.85 -5.99
C THR A 249 8.17 10.38 -6.03
N LEU A 250 8.79 10.95 -5.05
CA LEU A 250 9.14 12.39 -5.05
C LEU A 250 10.09 12.85 -6.14
N ALA A 251 10.76 11.96 -6.81
CA ALA A 251 11.51 12.39 -7.98
C ALA A 251 10.55 12.72 -9.14
N GLU A 252 9.32 12.21 -9.12
CA GLU A 252 8.42 12.31 -10.24
C GLU A 252 7.31 13.28 -9.99
N ILE A 253 6.90 13.39 -8.74
CA ILE A 253 5.68 14.10 -8.44
C ILE A 253 5.80 15.65 -8.69
N PRO A 254 6.87 16.30 -8.24
CA PRO A 254 6.94 17.75 -8.42
C PRO A 254 6.87 18.17 -9.88
N ALA A 255 7.57 17.46 -10.77
CA ALA A 255 7.45 17.72 -12.21
C ALA A 255 6.04 17.51 -12.75
N ARG A 256 5.34 16.53 -12.24
CA ARG A 256 3.99 16.29 -12.74
C ARG A 256 3.07 17.42 -12.26
N LEU A 257 3.32 17.87 -11.06
CA LEU A 257 2.54 19.00 -10.54
C LEU A 257 2.82 20.25 -11.38
N GLU A 258 4.07 20.45 -11.73
CA GLU A 258 4.40 21.68 -12.41
C GLU A 258 3.72 21.73 -13.75
N ALA A 259 3.44 20.58 -14.35
CA ALA A 259 2.84 20.55 -15.70
C ALA A 259 1.31 20.74 -15.65
N THR A 260 0.75 20.79 -14.44
CA THR A 260 -0.64 20.75 -14.27
C THR A 260 -1.18 22.11 -13.77
N ASP A 261 -1.80 22.88 -14.66
CA ASP A 261 -2.34 24.19 -14.31
C ASP A 261 -3.73 24.08 -13.72
N THR A 262 -3.77 23.73 -12.43
CA THR A 262 -5.01 23.59 -11.71
C THR A 262 -4.76 24.05 -10.26
N PRO A 263 -5.78 24.54 -9.57
CA PRO A 263 -5.69 24.92 -8.15
C PRO A 263 -5.09 23.74 -7.32
N LEU A 264 -5.64 22.56 -7.50
CA LEU A 264 -5.11 21.35 -6.81
C LEU A 264 -3.62 21.20 -6.97
N ALA A 265 -3.10 21.10 -8.19
CA ALA A 265 -1.71 20.94 -8.44
C ALA A 265 -0.88 22.10 -7.94
N ALA A 266 -1.39 23.33 -8.10
CA ALA A 266 -0.63 24.51 -7.74
C ALA A 266 -0.53 24.64 -6.20
N GLU A 267 -1.61 24.41 -5.48
CA GLU A 267 -1.58 24.49 -4.03
C GLU A 267 -0.63 23.35 -3.51
N ALA A 268 -0.67 22.20 -4.13
CA ALA A 268 0.19 21.07 -3.72
C ALA A 268 1.65 21.36 -3.94
N LEU A 269 1.96 22.02 -5.03
CA LEU A 269 3.34 22.28 -5.31
C LEU A 269 3.92 23.28 -4.35
N LYS A 270 3.15 24.29 -3.97
CA LYS A 270 3.61 25.28 -3.02
C LYS A 270 3.92 24.61 -1.70
N ALA A 271 3.01 23.75 -1.30
CA ALA A 271 3.21 23.00 -0.01
C ALA A 271 4.48 22.21 -0.09
N LEU A 272 4.72 21.56 -1.25
CA LEU A 272 5.88 20.75 -1.39
C LEU A 272 7.09 21.64 -1.26
N ARG A 273 7.13 22.70 -2.04
CA ARG A 273 8.26 23.62 -2.00
C ARG A 273 8.54 24.22 -0.66
N ARG A 274 7.55 24.44 0.17
CA ARG A 274 7.83 25.06 1.45
C ARG A 274 8.26 24.09 2.55
N SER A 275 7.86 22.83 2.44
CA SER A 275 8.05 21.85 3.52
C SER A 275 9.38 21.18 3.53
N SER A 276 9.72 20.52 4.63
CA SER A 276 10.99 19.84 4.71
C SER A 276 11.16 18.67 3.70
N PRO A 277 12.12 18.77 2.83
CA PRO A 277 12.21 17.65 1.89
C PRO A 277 12.42 16.30 2.51
N LEU A 278 13.21 16.23 3.57
CA LEU A 278 13.45 14.96 4.28
C LEU A 278 12.15 14.40 4.91
N ALA A 279 11.38 15.26 5.59
CA ALA A 279 10.08 14.84 6.09
C ALA A 279 9.11 14.38 4.99
N LEU A 280 9.04 15.12 3.90
CA LEU A 280 8.21 14.67 2.76
C LEU A 280 8.61 13.27 2.25
N ALA A 281 9.89 13.09 2.02
CA ALA A 281 10.42 11.81 1.52
C ALA A 281 10.19 10.69 2.49
N ALA A 282 10.35 10.98 3.78
CA ALA A 282 10.12 9.90 4.76
C ALA A 282 8.63 9.52 4.87
N THR A 283 7.77 10.54 4.85
CA THR A 283 6.29 10.33 4.91
C THR A 283 5.86 9.41 3.80
N LEU A 284 6.33 9.69 2.60
CA LEU A 284 5.96 8.88 1.50
C LEU A 284 6.44 7.47 1.65
N GLU A 285 7.67 7.32 2.19
CA GLU A 285 8.23 6.00 2.33
C GLU A 285 7.43 5.27 3.41
N ILE A 286 7.04 5.94 4.48
CA ILE A 286 6.25 5.21 5.50
C ILE A 286 4.94 4.70 4.87
N LEU A 287 4.26 5.57 4.12
CA LEU A 287 2.95 5.23 3.58
C LEU A 287 3.05 4.03 2.66
N GLN A 288 4.11 4.00 1.86
CA GLN A 288 4.42 2.88 0.95
C GLN A 288 4.71 1.57 1.67
N ARG A 289 5.45 1.62 2.78
CA ARG A 289 5.67 0.40 3.60
C ARG A 289 4.42 -0.10 4.23
N LEU A 290 3.61 0.83 4.70
CA LEU A 290 2.40 0.47 5.37
C LEU A 290 1.34 -0.17 4.47
N GLY A 291 0.94 0.49 3.39
CA GLY A 291 -0.17 0.04 2.56
C GLY A 291 -1.44 0.14 3.39
N PRO A 292 -2.60 -0.22 2.84
CA PRO A 292 -3.86 -0.13 3.56
C PRO A 292 -4.11 -1.22 4.56
N SER A 293 -3.38 -2.27 4.55
CA SER A 293 -3.77 -3.48 5.36
C SER A 293 -3.08 -3.51 6.71
N ALA A 294 -2.06 -2.66 6.90
CA ALA A 294 -1.31 -2.65 8.18
C ALA A 294 -2.14 -2.18 9.37
N GLY A 295 -1.76 -2.68 10.54
CA GLY A 295 -2.37 -2.24 11.80
C GLY A 295 -1.72 -0.98 12.29
N ILE A 296 -2.36 -0.34 13.26
CA ILE A 296 -1.81 0.84 13.88
C ILE A 296 -0.41 0.66 14.50
N ARG A 297 -0.11 -0.50 15.09
CA ARG A 297 1.23 -0.59 15.66
C ARG A 297 2.33 -0.54 14.63
N GLU A 298 2.16 -1.10 13.43
CA GLU A 298 3.18 -0.96 12.41
C GLU A 298 3.46 0.47 12.13
N ALA A 299 2.43 1.28 12.19
CA ALA A 299 2.56 2.65 11.76
C ALA A 299 3.30 3.40 12.89
N LEU A 300 2.85 3.21 14.14
CA LEU A 300 3.47 3.89 15.28
C LEU A 300 4.95 3.57 15.37
N ASP A 301 5.25 2.35 15.10
CA ASP A 301 6.62 1.87 15.06
C ASP A 301 7.42 2.59 14.03
N LEU A 302 6.91 2.66 12.81
CA LEU A 302 7.66 3.43 11.79
C LEU A 302 7.75 4.91 12.07
N GLU A 303 6.67 5.49 12.56
CA GLU A 303 6.68 6.93 12.92
C GLU A 303 7.79 7.19 13.96
N TYR A 304 7.89 6.28 14.94
CA TYR A 304 8.80 6.44 16.08
C TYR A 304 10.19 6.33 15.60
N ARG A 305 10.42 5.46 14.65
CA ARG A 305 11.71 5.41 14.10
C ARG A 305 12.11 6.78 13.63
N PHE A 306 11.21 7.49 12.91
CA PHE A 306 11.61 8.84 12.40
C PHE A 306 11.72 9.86 13.55
N THR A 307 10.73 9.91 14.39
CA THR A 307 10.64 10.96 15.36
C THR A 307 11.73 10.76 16.42
N TYR A 308 12.07 9.49 16.70
CA TYR A 308 13.16 9.25 17.69
C TYR A 308 14.41 9.92 17.15
N ARG A 309 14.68 9.78 15.86
CA ARG A 309 15.87 10.40 15.22
C ARG A 309 15.76 11.85 14.76
N ALA A 310 14.57 12.46 14.86
CA ALA A 310 14.28 13.71 14.16
C ALA A 310 15.05 14.93 14.67
N GLN A 311 15.17 15.05 15.96
CA GLN A 311 15.91 16.21 16.56
C GLN A 311 17.36 16.29 16.13
N GLY A 312 18.03 15.14 16.05
CA GLY A 312 19.42 15.15 15.62
C GLY A 312 19.69 14.84 14.17
N GLN A 313 18.76 14.17 13.49
CA GLN A 313 19.01 13.70 12.17
C GLN A 313 18.07 14.28 11.08
N ALA A 314 17.08 15.08 11.49
CA ALA A 314 16.17 15.62 10.53
C ALA A 314 15.92 17.12 10.83
N ASP A 315 14.84 17.67 10.23
CA ASP A 315 14.65 19.10 10.19
C ASP A 315 13.77 19.63 11.32
N PHE A 316 13.40 18.79 12.26
CA PHE A 316 12.33 19.19 13.20
C PHE A 316 12.63 20.43 14.00
N LEU A 317 13.86 20.53 14.48
CA LEU A 317 14.19 21.70 15.33
C LEU A 317 14.15 23.03 14.57
N GLU A 318 14.72 23.04 13.38
CA GLU A 318 14.68 24.21 12.54
C GLU A 318 13.20 24.50 12.12
N GLY A 319 12.41 23.45 11.90
CA GLY A 319 11.02 23.60 11.55
C GLY A 319 10.25 24.36 12.63
N ILE A 320 10.50 23.94 13.86
CA ILE A 320 9.89 24.60 15.02
C ILE A 320 10.39 26.01 15.24
N ARG A 321 11.66 26.25 14.97
CA ARG A 321 12.20 27.57 15.11
C ARG A 321 11.50 28.56 14.17
N ALA A 322 11.38 28.16 12.90
CA ALA A 322 10.77 28.98 11.90
C ALA A 322 9.28 29.27 12.15
N ALA A 323 8.52 28.24 12.50
CA ALA A 323 7.08 28.38 12.65
C ALA A 323 6.56 28.82 14.03
N ILE A 324 7.27 28.40 15.10
CA ILE A 324 6.73 28.49 16.45
C ILE A 324 7.55 29.41 17.34
N ILE A 325 8.87 29.34 17.26
CA ILE A 325 9.72 30.15 18.16
C ILE A 325 10.06 31.51 17.57
N ASP A 326 10.76 31.57 16.46
CA ASP A 326 11.08 32.87 15.87
C ASP A 326 9.98 33.37 14.94
N LYS A 327 9.13 32.45 14.44
CA LYS A 327 8.02 32.82 13.51
C LYS A 327 8.42 33.59 12.28
N ASP A 328 9.62 33.42 11.80
CA ASP A 328 10.00 34.04 10.59
C ASP A 328 9.50 33.28 9.32
N ARG A 329 8.96 32.07 9.45
CA ARG A 329 8.46 31.32 8.26
C ARG A 329 9.54 31.11 7.23
N SER A 330 10.79 31.11 7.65
CA SER A 330 11.88 30.97 6.74
C SER A 330 12.75 29.83 7.17
N PRO A 331 12.21 28.61 7.15
CA PRO A 331 13.07 27.51 7.55
C PRO A 331 14.22 27.24 6.59
N ARG A 332 15.40 26.91 7.09
CA ARG A 332 16.49 26.53 6.18
C ARG A 332 16.70 25.03 6.35
N TRP A 333 16.20 24.26 5.42
CA TRP A 333 16.18 22.80 5.59
C TRP A 333 17.53 22.13 5.20
N ARG A 334 17.73 20.90 5.62
CA ARG A 334 18.95 20.16 5.29
C ARG A 334 19.10 19.95 3.83
N HIS A 335 18.00 20.02 3.05
CA HIS A 335 18.01 19.81 1.60
C HIS A 335 17.32 20.92 0.89
N GLY A 336 17.71 21.19 -0.35
CA GLY A 336 17.13 22.29 -1.14
C GLY A 336 15.86 21.92 -1.89
N ASP A 337 15.63 20.63 -2.14
CA ASP A 337 14.35 20.21 -2.76
C ASP A 337 14.09 18.70 -2.57
N PRO A 338 12.80 18.27 -2.68
CA PRO A 338 12.42 16.84 -2.44
C PRO A 338 13.18 15.85 -3.33
N GLU A 339 13.37 16.27 -4.57
CA GLU A 339 14.16 15.55 -5.59
C GLU A 339 15.59 15.25 -5.12
N ALA A 340 16.16 16.07 -4.24
CA ALA A 340 17.52 15.91 -3.77
C ALA A 340 17.70 14.98 -2.57
N VAL A 341 16.64 14.44 -2.01
CA VAL A 341 16.86 13.56 -0.84
C VAL A 341 17.36 12.15 -1.29
N ARG A 342 18.43 11.66 -0.71
CA ARG A 342 19.00 10.38 -1.08
C ARG A 342 18.14 9.26 -0.43
N PRO A 343 17.78 8.22 -1.19
CA PRO A 343 17.07 7.01 -0.61
C PRO A 343 17.77 6.39 0.59
N GLU A 344 19.09 6.43 0.58
CA GLU A 344 19.89 5.84 1.67
C GLU A 344 19.62 6.61 2.94
N GLU A 345 19.42 7.91 2.77
CA GLU A 345 19.18 8.77 3.94
C GLU A 345 17.80 8.54 4.54
N VAL A 346 16.80 8.36 3.66
CA VAL A 346 15.47 7.93 4.18
C VAL A 346 15.59 6.57 4.89
N ALA A 347 16.28 5.64 4.28
CA ALA A 347 16.42 4.32 4.85
C ALA A 347 17.03 4.30 6.25
N SER A 348 18.00 5.18 6.47
CA SER A 348 18.61 5.35 7.77
C SER A 348 17.64 5.90 8.77
N LEU A 349 16.92 6.96 8.41
CA LEU A 349 15.89 7.45 9.31
C LEU A 349 14.84 6.46 9.62
N LEU A 350 14.57 5.54 8.70
CA LEU A 350 13.46 4.59 9.00
C LEU A 350 13.97 3.21 9.35
N ALA A 351 15.23 3.09 9.72
CA ALA A 351 15.79 1.79 10.02
C ALA A 351 15.34 1.32 11.42
N PRO A 352 15.39 -0.02 11.70
CA PRO A 352 14.97 -0.42 13.06
C PRO A 352 15.80 0.27 14.14
N LEU A 353 15.18 0.50 15.28
CA LEU A 353 15.78 1.22 16.35
C LEU A 353 16.53 0.26 17.32
N GLY A 354 16.29 -1.04 17.12
CA GLY A 354 16.95 -2.06 17.92
C GLY A 354 16.50 -1.94 19.35
N PRO A 355 17.44 -1.64 20.26
CA PRO A 355 16.98 -1.66 21.65
C PRO A 355 16.11 -0.49 22.01
N GLN A 356 16.21 0.62 21.30
CA GLN A 356 15.36 1.78 21.51
C GLN A 356 13.97 1.67 20.85
N ALA A 357 13.67 0.54 20.23
CA ALA A 357 12.42 0.38 19.45
C ALA A 357 11.20 0.63 20.28
N LEU A 358 10.14 1.17 19.69
CA LEU A 358 8.89 1.32 20.39
C LEU A 358 8.35 -0.01 20.85
N THR A 359 7.81 -0.09 22.06
CA THR A 359 7.19 -1.30 22.54
C THR A 359 5.88 -0.96 23.17
N PHE A 360 5.02 -1.97 23.24
CA PHE A 360 3.73 -1.96 23.97
C PHE A 360 3.71 -3.09 25.05
N SER B 24 0.60 -21.05 -34.95
CA SER B 24 0.80 -22.52 -35.23
C SER B 24 0.94 -23.29 -33.94
N ASP B 25 1.64 -22.65 -32.99
CA ASP B 25 1.68 -23.07 -31.59
C ASP B 25 0.44 -22.62 -30.77
N VAL B 26 -0.42 -21.84 -31.40
CA VAL B 26 -1.66 -21.40 -30.78
C VAL B 26 -2.82 -21.53 -31.78
N LEU B 27 -3.94 -22.12 -31.33
CA LEU B 27 -5.13 -22.31 -32.18
C LEU B 27 -6.16 -21.16 -32.00
N ILE B 28 -6.22 -20.28 -33.01
CA ILE B 28 -7.04 -19.08 -33.06
C ILE B 28 -8.06 -19.16 -34.24
N ARG B 29 -9.32 -18.90 -33.89
CA ARG B 29 -10.56 -19.08 -34.71
C ARG B 29 -11.83 -18.78 -33.93
N LYS B 30 -12.88 -18.39 -34.64
CA LYS B 30 -14.20 -18.11 -34.07
C LYS B 30 -15.02 -19.36 -34.06
N VAL B 31 -15.73 -19.65 -32.97
CA VAL B 31 -16.63 -20.77 -32.88
C VAL B 31 -17.96 -20.19 -32.42
N ARG B 32 -18.97 -20.19 -33.30
CA ARG B 32 -20.31 -19.71 -32.98
C ARG B 32 -20.17 -18.27 -32.49
N ARG B 33 -20.46 -17.97 -31.24
CA ARG B 33 -20.50 -16.57 -30.84
C ARG B 33 -19.17 -16.09 -30.23
N ALA B 34 -18.22 -17.01 -30.01
CA ALA B 34 -16.96 -16.70 -29.27
C ALA B 34 -15.72 -16.68 -30.11
N GLY B 35 -14.84 -15.72 -29.87
CA GLY B 35 -13.47 -15.80 -30.33
C GLY B 35 -12.77 -16.84 -29.47
N ARG B 36 -11.99 -17.75 -30.07
CA ARG B 36 -11.40 -18.83 -29.29
C ARG B 36 -9.91 -18.88 -29.40
N ILE B 37 -9.23 -18.99 -28.25
CA ILE B 37 -7.76 -19.03 -28.26
C ILE B 37 -7.38 -20.21 -27.45
N THR B 38 -6.68 -21.14 -28.07
CA THR B 38 -6.26 -22.35 -27.39
C THR B 38 -4.78 -22.47 -27.60
N LEU B 39 -4.02 -22.43 -26.49
CA LEU B 39 -2.59 -22.65 -26.55
C LEU B 39 -2.44 -24.17 -26.85
N SER B 40 -1.66 -24.52 -27.86
CA SER B 40 -1.53 -25.93 -28.25
C SER B 40 -0.05 -26.30 -28.50
N ARG B 41 0.71 -26.35 -27.41
CA ARG B 41 2.12 -26.60 -27.45
C ARG B 41 2.39 -27.27 -26.16
N PRO B 42 1.60 -28.31 -25.88
CA PRO B 42 1.67 -28.98 -24.60
C PRO B 42 3.01 -29.66 -24.38
N ALA B 43 3.71 -29.97 -25.48
CA ALA B 43 5.06 -30.52 -25.41
C ALA B 43 5.98 -29.59 -24.60
N ALA B 44 5.75 -28.28 -24.74
CA ALA B 44 6.46 -27.25 -23.98
C ALA B 44 5.65 -26.65 -22.80
N LEU B 45 4.73 -27.40 -22.24
CA LEU B 45 3.84 -26.83 -21.23
C LEU B 45 3.34 -25.41 -21.67
N ASN B 46 3.06 -25.27 -22.94
CA ASN B 46 2.47 -24.10 -23.54
C ASN B 46 3.22 -22.84 -23.31
N ALA B 47 4.54 -22.90 -23.31
CA ALA B 47 5.28 -21.66 -23.13
C ALA B 47 5.14 -20.66 -24.28
N LEU B 48 4.94 -19.40 -23.91
CA LEU B 48 4.68 -18.35 -24.86
C LEU B 48 5.91 -17.91 -25.58
N THR B 49 5.80 -17.75 -26.89
CA THR B 49 6.89 -17.25 -27.70
C THR B 49 6.50 -15.87 -28.13
N CYS B 50 7.47 -15.13 -28.68
CA CYS B 50 7.14 -13.90 -29.38
C CYS B 50 5.97 -14.04 -30.36
N ALA B 51 6.03 -15.05 -31.22
CA ALA B 51 5.02 -15.23 -32.25
C ALA B 51 3.67 -15.48 -31.60
N VAL B 53 2.49 -14.53 -28.89
CA VAL B 53 2.01 -13.30 -28.28
C VAL B 53 1.48 -12.38 -29.36
N GLN B 54 2.19 -12.28 -30.49
CA GLN B 54 1.75 -11.45 -31.61
C GLN B 54 0.44 -11.88 -32.23
N GLU B 55 0.28 -13.17 -32.42
CA GLU B 55 -0.94 -13.72 -33.00
C GLU B 55 -2.05 -13.53 -32.02
N ILE B 56 -1.83 -13.82 -30.74
CA ILE B 56 -2.90 -13.66 -29.75
C ILE B 56 -3.32 -12.20 -29.74
N ASP B 57 -2.36 -11.29 -29.71
CA ASP B 57 -2.63 -9.87 -29.65
C ASP B 57 -3.32 -9.35 -30.90
N ALA B 58 -2.81 -9.80 -32.06
CA ALA B 58 -3.49 -9.49 -33.35
C ALA B 58 -4.95 -9.95 -33.36
N ALA B 59 -5.23 -11.16 -32.91
CA ALA B 59 -6.59 -11.63 -32.97
C ALA B 59 -7.54 -10.79 -32.09
N LEU B 60 -7.13 -10.55 -30.85
CA LEU B 60 -7.94 -9.75 -29.94
C LEU B 60 -8.19 -8.40 -30.56
N ARG B 61 -7.14 -7.85 -31.12
CA ARG B 61 -7.15 -6.53 -31.71
C ARG B 61 -8.19 -6.52 -32.86
N GLY B 62 -8.23 -7.58 -33.67
CA GLY B 62 -9.18 -7.68 -34.77
C GLY B 62 -10.60 -7.97 -34.29
N TRP B 63 -10.71 -8.67 -33.17
CA TRP B 63 -12.00 -9.09 -32.67
C TRP B 63 -12.78 -8.01 -31.94
N ILE B 64 -12.12 -6.89 -31.66
CA ILE B 64 -12.76 -5.77 -30.97
C ILE B 64 -14.01 -5.31 -31.72
N GLY B 65 -13.85 -4.95 -33.01
CA GLY B 65 -14.96 -4.47 -33.84
C GLY B 65 -15.64 -5.53 -34.71
N ASP B 66 -15.27 -6.79 -34.53
CA ASP B 66 -15.94 -7.89 -35.23
C ASP B 66 -17.24 -8.29 -34.51
N PRO B 67 -18.41 -7.92 -35.08
CA PRO B 67 -19.64 -8.15 -34.36
C PRO B 67 -20.06 -9.59 -34.29
N GLU B 68 -19.36 -10.49 -34.95
CA GLU B 68 -19.64 -11.92 -34.70
C GLU B 68 -19.06 -12.47 -33.39
N VAL B 69 -18.13 -11.72 -32.81
CA VAL B 69 -17.49 -12.09 -31.56
C VAL B 69 -18.17 -11.34 -30.44
N GLU B 70 -18.87 -12.06 -29.58
CA GLU B 70 -19.50 -11.48 -28.44
C GLU B 70 -18.67 -11.63 -27.16
N LEU B 71 -17.71 -12.57 -27.16
CA LEU B 71 -16.84 -12.86 -26.00
C LEU B 71 -15.60 -13.60 -26.50
N VAL B 72 -14.62 -13.80 -25.62
CA VAL B 72 -13.43 -14.53 -25.99
C VAL B 72 -13.23 -15.59 -24.94
N VAL B 73 -12.88 -16.81 -25.35
CA VAL B 73 -12.58 -17.84 -24.40
C VAL B 73 -11.14 -18.25 -24.63
N ILE B 74 -10.32 -18.12 -23.58
CA ILE B 74 -8.89 -18.51 -23.62
C ILE B 74 -8.68 -19.78 -22.86
N ASP B 75 -8.12 -20.79 -23.55
CA ASP B 75 -7.85 -22.03 -22.87
C ASP B 75 -6.58 -22.74 -23.40
N ALA B 76 -6.34 -23.97 -22.96
CA ALA B 76 -5.08 -24.61 -23.41
C ALA B 76 -5.11 -26.11 -23.38
N GLU B 77 -4.31 -26.69 -24.28
CA GLU B 77 -4.26 -28.14 -24.49
C GLU B 77 -3.35 -28.73 -23.46
N GLY B 78 -3.62 -29.94 -22.99
CA GLY B 78 -2.65 -30.72 -22.16
C GLY B 78 -3.15 -30.63 -20.76
N PRO B 79 -2.99 -31.69 -19.97
CA PRO B 79 -3.51 -31.60 -18.60
C PRO B 79 -2.51 -30.98 -17.58
N ARG B 80 -1.25 -30.75 -17.98
CA ARG B 80 -0.22 -30.33 -17.02
C ARG B 80 -0.09 -28.81 -16.83
N ALA B 81 -0.40 -28.02 -17.86
CA ALA B 81 -0.11 -26.61 -17.78
C ALA B 81 -0.99 -25.81 -18.70
N PHE B 82 -1.72 -24.85 -18.15
CA PHE B 82 -2.31 -23.79 -19.01
C PHE B 82 -1.17 -23.06 -19.74
N CYS B 83 -0.19 -22.51 -19.00
CA CYS B 83 0.95 -21.88 -19.61
C CYS B 83 1.97 -21.68 -18.52
N ALA B 84 3.09 -22.38 -18.66
CA ALA B 84 4.01 -22.46 -17.56
C ALA B 84 5.01 -21.29 -17.63
N GLY B 85 4.96 -20.46 -18.66
CA GLY B 85 5.88 -19.35 -18.66
C GLY B 85 6.14 -18.80 -20.00
N GLY B 86 7.13 -17.93 -20.02
CA GLY B 86 7.63 -17.35 -21.27
C GLY B 86 8.71 -18.27 -21.84
N ASP B 87 8.86 -18.28 -23.15
CA ASP B 87 9.88 -19.09 -23.80
C ASP B 87 11.13 -18.23 -23.96
N ILE B 88 12.11 -18.49 -23.12
CA ILE B 88 13.31 -17.68 -23.03
C ILE B 88 14.30 -17.91 -24.14
N ALA B 89 14.61 -19.18 -24.42
CA ALA B 89 15.53 -19.57 -25.50
C ALA B 89 15.84 -18.42 -26.45
N GLU B 90 14.85 -18.06 -27.28
CA GLU B 90 14.89 -16.89 -28.17
C GLU B 90 15.75 -15.75 -27.56
N LEU B 91 15.31 -15.30 -26.40
CA LEU B 91 15.74 -14.04 -25.82
C LEU B 91 17.08 -14.16 -25.08
N HIS B 92 17.36 -15.30 -24.43
CA HIS B 92 18.71 -15.50 -23.88
C HIS B 92 19.77 -15.39 -24.96
N GLY B 93 19.45 -15.93 -26.15
CA GLY B 93 20.29 -15.79 -27.36
C GLY B 93 20.58 -14.33 -27.76
N ARG B 94 19.58 -13.67 -28.32
CA ARG B 94 19.69 -12.26 -28.65
C ARG B 94 19.59 -11.52 -27.31
N GLY B 95 20.73 -11.38 -26.65
CA GLY B 95 20.74 -10.93 -25.26
C GLY B 95 22.15 -11.09 -24.77
N VAL B 96 22.62 -12.34 -24.64
CA VAL B 96 24.04 -12.61 -24.33
C VAL B 96 24.91 -12.06 -25.49
N ALA B 97 24.41 -12.24 -26.72
CA ALA B 97 24.82 -11.45 -27.87
C ALA B 97 24.04 -10.16 -27.68
N GLY B 98 24.75 -9.03 -27.70
CA GLY B 98 24.27 -7.79 -27.15
C GLY B 98 23.06 -7.14 -27.78
N ASP B 99 22.26 -7.92 -28.49
CA ASP B 99 20.93 -7.53 -28.92
C ASP B 99 19.88 -7.63 -27.76
N HIS B 100 19.96 -6.65 -26.87
CA HIS B 100 18.99 -6.46 -25.81
C HIS B 100 17.65 -5.98 -26.35
N ALA B 101 17.68 -5.27 -27.49
CA ALA B 101 16.48 -4.71 -28.08
C ALA B 101 15.45 -5.76 -28.46
N PHE B 102 15.89 -7.04 -28.55
CA PHE B 102 14.93 -8.11 -28.83
C PHE B 102 14.03 -8.25 -27.60
N GLY B 103 14.63 -8.54 -26.45
CA GLY B 103 13.86 -8.52 -25.17
C GLY B 103 13.01 -7.26 -25.03
N GLN B 104 13.63 -6.08 -25.13
CA GLN B 104 12.92 -4.82 -24.96
C GLN B 104 11.65 -4.68 -25.81
N ASP B 105 11.71 -5.08 -27.08
CA ASP B 105 10.57 -4.91 -27.96
C ASP B 105 9.49 -5.96 -27.73
N PHE B 106 9.86 -7.18 -27.33
CA PHE B 106 8.87 -8.23 -27.05
C PHE B 106 8.05 -7.79 -25.84
N TRP B 107 8.73 -7.48 -24.75
CA TRP B 107 8.09 -6.88 -23.58
C TRP B 107 7.13 -5.72 -23.93
N ARG B 108 7.49 -4.85 -24.85
CA ARG B 108 6.56 -3.81 -25.25
C ARG B 108 5.23 -4.41 -25.70
N VAL B 109 5.31 -5.48 -26.50
CA VAL B 109 4.15 -5.99 -27.19
C VAL B 109 3.40 -6.88 -26.21
N GLU B 110 4.14 -7.62 -25.39
CA GLU B 110 3.49 -8.48 -24.45
C GLU B 110 2.63 -7.65 -23.48
N TYR B 111 3.23 -6.60 -22.96
CA TYR B 111 2.58 -5.79 -21.91
C TYR B 111 1.40 -5.04 -22.49
N ARG B 112 1.46 -4.64 -23.76
CA ARG B 112 0.29 -4.09 -24.40
C ARG B 112 -0.83 -5.12 -24.56
N ASN B 114 -1.23 -7.57 -22.43
CA ASN B 114 -1.76 -7.83 -21.09
C ASN B 114 -2.80 -6.74 -20.80
N ASP B 115 -2.48 -5.52 -21.17
CA ASP B 115 -3.40 -4.40 -20.97
C ASP B 115 -4.66 -4.51 -21.83
N ARG B 116 -4.53 -5.04 -23.04
CA ARG B 116 -5.69 -5.19 -23.93
C ARG B 116 -6.65 -6.15 -23.37
N ILE B 117 -6.10 -7.22 -22.78
CA ILE B 117 -6.97 -8.20 -22.19
C ILE B 117 -7.67 -7.60 -20.97
N ALA B 118 -6.89 -6.99 -20.09
CA ALA B 118 -7.44 -6.38 -18.86
C ALA B 118 -8.62 -5.44 -19.12
N ALA B 119 -8.50 -4.58 -20.11
CA ALA B 119 -9.49 -3.54 -20.39
C ALA B 119 -10.39 -3.90 -21.58
N PHE B 120 -10.35 -5.13 -22.05
CA PHE B 120 -11.15 -5.49 -23.24
C PHE B 120 -12.65 -5.12 -23.11
N PRO B 121 -13.23 -4.51 -24.14
CA PRO B 121 -14.65 -4.12 -24.05
C PRO B 121 -15.68 -5.26 -24.20
N LYS B 122 -15.24 -6.46 -24.54
CA LYS B 122 -16.07 -7.69 -24.49
C LYS B 122 -15.57 -8.64 -23.44
N PRO B 123 -16.43 -9.51 -22.95
CA PRO B 123 -16.05 -10.44 -21.89
C PRO B 123 -14.98 -11.44 -22.35
N ILE B 124 -13.95 -11.65 -21.54
CA ILE B 124 -12.96 -12.69 -21.78
C ILE B 124 -12.97 -13.65 -20.63
N VAL B 125 -12.96 -14.94 -20.95
CA VAL B 125 -13.06 -15.91 -19.97
C VAL B 125 -11.77 -16.70 -20.15
N SER B 126 -11.12 -17.06 -19.06
CA SER B 126 -9.94 -17.95 -19.14
C SER B 126 -10.22 -19.14 -18.32
N LEU B 127 -9.71 -20.31 -18.73
CA LEU B 127 -9.81 -21.51 -17.92
C LEU B 127 -8.41 -22.13 -17.77
N GLN B 129 -5.84 -24.60 -16.22
CA GLN B 129 -5.60 -25.89 -15.58
C GLN B 129 -4.14 -25.97 -15.17
N GLY B 130 -3.88 -26.81 -14.20
CA GLY B 130 -2.45 -27.18 -13.96
C GLY B 130 -1.67 -25.87 -13.72
N PHE B 131 -0.46 -25.82 -14.26
CA PHE B 131 0.52 -24.79 -13.96
C PHE B 131 0.23 -23.55 -14.82
N THR B 132 0.10 -22.40 -14.14
CA THR B 132 0.07 -21.09 -14.79
C THR B 132 1.14 -20.24 -14.07
N GLY B 134 4.43 -17.08 -14.56
CA GLY B 134 5.02 -16.04 -15.34
C GLY B 134 4.14 -15.41 -16.38
N GLY B 135 4.61 -15.43 -17.60
CA GLY B 135 3.80 -15.01 -18.74
C GLY B 135 2.42 -15.61 -18.81
N GLY B 136 2.29 -16.82 -18.29
CA GLY B 136 1.01 -17.50 -18.28
C GLY B 136 -0.01 -16.68 -17.49
N VAL B 137 0.47 -16.02 -16.44
CA VAL B 137 -0.35 -15.19 -15.56
C VAL B 137 -0.86 -14.00 -16.40
N GLY B 138 0.01 -13.46 -17.25
CA GLY B 138 -0.27 -12.28 -18.06
C GLY B 138 -1.38 -12.57 -19.08
N LEU B 139 -1.41 -13.82 -19.51
CA LEU B 139 -2.43 -14.24 -20.48
C LEU B 139 -3.79 -14.55 -19.87
N GLY B 140 -3.82 -15.22 -18.74
CA GLY B 140 -5.06 -15.67 -18.16
C GLY B 140 -5.59 -14.89 -16.96
N CYS B 141 -4.73 -14.28 -16.15
CA CYS B 141 -5.19 -13.70 -14.88
C CYS B 141 -5.64 -12.23 -14.99
N HIS B 142 -5.59 -11.65 -16.17
CA HIS B 142 -6.22 -10.36 -16.30
C HIS B 142 -7.58 -10.43 -16.97
N ALA B 143 -8.01 -11.65 -17.32
CA ALA B 143 -9.31 -11.82 -17.97
C ALA B 143 -10.40 -11.43 -17.01
N ARG B 144 -11.53 -10.99 -17.56
CA ARG B 144 -12.70 -10.70 -16.70
C ARG B 144 -13.23 -11.88 -15.89
N HIS B 145 -13.31 -13.10 -16.43
CA HIS B 145 -13.80 -14.24 -15.63
C HIS B 145 -12.75 -15.34 -15.76
N ARG B 146 -12.22 -15.76 -14.62
CA ARG B 146 -10.99 -16.53 -14.56
C ARG B 146 -11.32 -17.79 -13.78
N ILE B 147 -11.21 -18.92 -14.48
CA ILE B 147 -11.69 -20.19 -13.97
C ILE B 147 -10.47 -21.03 -13.66
N VAL B 148 -10.42 -21.54 -12.45
CA VAL B 148 -9.42 -22.56 -12.09
C VAL B 148 -10.11 -23.89 -11.75
N GLY B 149 -9.30 -24.96 -11.80
CA GLY B 149 -9.75 -26.32 -11.53
C GLY B 149 -8.99 -27.01 -10.42
N GLU B 150 -9.25 -28.31 -10.26
CA GLU B 150 -8.65 -29.10 -9.18
C GLU B 150 -7.14 -29.04 -9.27
N THR B 151 -6.59 -29.13 -10.48
CA THR B 151 -5.15 -29.18 -10.67
C THR B 151 -4.40 -27.81 -10.73
N SER B 152 -5.14 -26.70 -10.59
CA SER B 152 -4.54 -25.38 -10.78
C SER B 152 -3.49 -25.10 -9.79
N GLN B 153 -2.35 -24.61 -10.31
CA GLN B 153 -1.19 -24.10 -9.52
C GLN B 153 -0.60 -22.88 -10.18
N ILE B 154 -0.80 -21.73 -9.54
CA ILE B 154 -0.46 -20.46 -10.18
C ILE B 154 0.65 -19.89 -9.30
N SER B 155 1.74 -19.47 -9.93
CA SER B 155 2.84 -18.77 -9.22
C SER B 155 3.52 -17.73 -10.10
N PRO B 157 7.33 -17.03 -10.34
CA PRO B 157 8.62 -17.47 -9.73
C PRO B 157 9.82 -16.67 -10.32
N GLU B 158 9.54 -15.47 -10.82
CA GLU B 158 10.53 -14.71 -11.56
C GLU B 158 11.81 -14.37 -10.80
N CYS B 159 11.69 -14.04 -9.52
CA CYS B 159 12.83 -13.53 -8.79
C CYS B 159 13.96 -14.60 -8.81
N ALA B 160 13.61 -15.90 -8.86
CA ALA B 160 14.57 -17.02 -8.96
C ALA B 160 15.36 -17.08 -10.25
N ILE B 161 14.94 -16.33 -11.24
CA ILE B 161 15.72 -16.22 -12.45
C ILE B 161 16.11 -14.78 -12.75
N GLY B 162 16.10 -13.93 -11.73
CA GLY B 162 16.59 -12.52 -11.87
C GLY B 162 15.70 -11.46 -12.51
N LEU B 163 14.40 -11.75 -12.65
CA LEU B 163 13.40 -10.77 -13.15
C LEU B 163 12.40 -10.45 -12.06
N VAL B 164 11.73 -9.31 -12.16
CA VAL B 164 10.61 -9.01 -11.27
C VAL B 164 9.42 -9.78 -11.90
N PRO B 165 8.39 -10.10 -11.12
CA PRO B 165 7.13 -10.57 -11.73
C PRO B 165 6.64 -9.47 -12.65
N ASP B 166 6.35 -9.79 -13.89
CA ASP B 166 5.95 -8.78 -14.81
C ASP B 166 4.60 -9.21 -15.43
N VAL B 167 4.34 -8.82 -16.68
CA VAL B 167 3.08 -9.03 -17.38
C VAL B 167 1.87 -8.58 -16.56
N GLY B 168 2.04 -7.54 -15.72
CA GLY B 168 0.95 -7.04 -14.93
C GLY B 168 0.80 -7.81 -13.64
N GLY B 169 1.69 -8.75 -13.39
CA GLY B 169 1.63 -9.56 -12.18
C GLY B 169 1.75 -8.74 -10.93
N THR B 170 2.51 -7.66 -10.99
CA THR B 170 2.60 -6.84 -9.79
C THR B 170 1.26 -6.16 -9.47
N HIS B 171 0.47 -5.84 -10.51
CA HIS B 171 -0.90 -5.34 -10.27
C HIS B 171 -1.70 -6.33 -9.40
N LEU B 172 -1.61 -7.61 -9.75
CA LEU B 172 -2.38 -8.63 -8.98
C LEU B 172 -1.72 -8.86 -7.63
N LEU B 173 -0.40 -8.94 -7.59
CA LEU B 173 0.31 -9.12 -6.25
C LEU B 173 -0.01 -7.94 -5.30
N ALA B 174 0.09 -6.72 -5.78
CA ALA B 174 -0.22 -5.50 -4.97
C ALA B 174 -1.68 -5.48 -4.42
N ARG B 175 -2.63 -6.09 -5.13
CA ARG B 175 -4.00 -6.15 -4.65
C ARG B 175 -4.30 -7.37 -3.83
N ALA B 176 -3.41 -8.33 -3.70
CA ALA B 176 -3.77 -9.47 -2.89
C ALA B 176 -3.90 -9.04 -1.42
N PRO B 177 -4.67 -9.79 -0.59
CA PRO B 177 -4.85 -9.29 0.80
C PRO B 177 -3.56 -9.23 1.63
N GLY B 178 -3.47 -8.24 2.50
CA GLY B 178 -2.34 -8.07 3.45
C GLY B 178 -1.02 -8.13 2.78
N ARG B 179 -0.09 -8.98 3.29
CA ARG B 179 1.21 -9.11 2.67
C ARG B 179 1.38 -10.32 1.76
N ILE B 180 0.28 -10.95 1.32
CA ILE B 180 0.34 -12.09 0.50
C ILE B 180 1.00 -11.79 -0.84
N GLY B 181 0.89 -10.57 -1.34
CA GLY B 181 1.50 -10.27 -2.63
C GLY B 181 3.02 -10.25 -2.47
N VAL B 182 3.46 -9.82 -1.30
CA VAL B 182 4.88 -9.73 -1.01
C VAL B 182 5.46 -11.18 -0.89
N TRP B 183 4.80 -12.01 -0.13
CA TRP B 183 5.16 -13.43 -0.02
C TRP B 183 5.20 -14.14 -1.38
N LEU B 184 4.12 -14.02 -2.17
CA LEU B 184 4.07 -14.60 -3.53
C LEU B 184 5.18 -14.14 -4.43
N GLY B 185 5.39 -12.86 -4.43
CA GLY B 185 6.25 -12.24 -5.38
C GLY B 185 7.73 -12.45 -5.07
N LEU B 186 8.06 -12.45 -3.80
CA LEU B 186 9.43 -12.65 -3.32
C LEU B 186 9.80 -14.14 -3.33
N THR B 187 8.86 -15.05 -3.05
CA THR B 187 9.19 -16.47 -2.87
C THR B 187 8.76 -17.40 -4.02
N GLY B 188 7.96 -16.92 -4.98
CA GLY B 188 7.44 -17.78 -6.06
C GLY B 188 6.49 -18.86 -5.59
N ALA B 189 5.95 -18.73 -4.38
CA ALA B 189 5.03 -19.69 -3.78
C ALA B 189 3.76 -19.92 -4.60
N ARG B 190 3.32 -21.17 -4.59
CA ARG B 190 2.24 -21.64 -5.46
C ARG B 190 0.90 -21.46 -4.85
N GLY B 192 -3.07 -22.88 -5.07
CA GLY B 192 -4.11 -23.72 -5.63
C GLY B 192 -5.38 -22.93 -5.95
N PRO B 193 -6.44 -23.63 -6.33
CA PRO B 193 -7.63 -22.94 -6.79
C PRO B 193 -8.22 -22.07 -5.74
N GLY B 194 -8.29 -22.63 -4.54
CA GLY B 194 -8.87 -21.85 -3.51
C GLY B 194 -8.03 -20.62 -3.16
N ASP B 195 -6.73 -20.81 -3.16
CA ASP B 195 -5.82 -19.74 -2.76
C ASP B 195 -5.81 -18.68 -3.86
N ALA B 196 -5.86 -19.18 -5.10
CA ALA B 196 -5.83 -18.32 -6.28
C ALA B 196 -6.99 -17.34 -6.27
N ILE B 197 -8.14 -17.81 -5.86
CA ILE B 197 -9.31 -16.98 -5.76
C ILE B 197 -9.23 -16.05 -4.57
N PHE B 198 -8.72 -16.55 -3.46
CA PHE B 198 -8.60 -15.75 -2.24
C PHE B 198 -7.62 -14.60 -2.49
N ALA B 199 -6.58 -14.85 -3.27
CA ALA B 199 -5.54 -13.87 -3.51
C ALA B 199 -5.90 -12.90 -4.64
N GLY B 200 -6.95 -13.20 -5.39
CA GLY B 200 -7.35 -12.30 -6.50
C GLY B 200 -6.75 -12.63 -7.84
N PHE B 201 -6.16 -13.82 -8.00
CA PHE B 201 -5.68 -14.25 -9.31
C PHE B 201 -6.73 -15.05 -10.13
N ALA B 202 -7.83 -15.47 -9.51
CA ALA B 202 -8.92 -16.12 -10.32
C ALA B 202 -10.19 -15.81 -9.63
N ASP B 203 -11.31 -16.15 -10.26
CA ASP B 203 -12.62 -15.76 -9.72
C ASP B 203 -13.45 -16.96 -9.29
N ARG B 204 -13.39 -18.05 -10.02
CA ARG B 204 -14.32 -19.17 -9.85
C ARG B 204 -13.64 -20.51 -9.92
N PHE B 205 -14.09 -21.42 -9.07
CA PHE B 205 -13.70 -22.81 -9.15
C PHE B 205 -14.79 -23.60 -9.86
N VAL B 206 -14.41 -24.19 -10.97
CA VAL B 206 -15.22 -25.20 -11.72
C VAL B 206 -14.47 -26.54 -11.90
N PRO B 207 -15.08 -27.68 -11.46
CA PRO B 207 -14.36 -28.98 -11.67
C PRO B 207 -13.97 -29.16 -13.12
N GLU B 208 -12.79 -29.70 -13.40
CA GLU B 208 -12.34 -29.72 -14.82
C GLU B 208 -13.15 -30.67 -15.71
N ALA B 209 -13.75 -31.70 -15.10
CA ALA B 209 -14.67 -32.59 -15.84
C ALA B 209 -15.79 -31.79 -16.50
N ASP B 210 -16.18 -30.67 -15.89
CA ASP B 210 -17.26 -29.85 -16.42
C ASP B 210 -16.81 -28.82 -17.42
N TRP B 211 -15.50 -28.75 -17.73
CA TRP B 211 -15.00 -27.67 -18.59
C TRP B 211 -15.48 -27.76 -20.02
N PRO B 212 -15.45 -28.96 -20.63
CA PRO B 212 -15.92 -28.95 -22.03
C PRO B 212 -17.40 -28.54 -22.13
N ASP B 213 -18.21 -28.88 -21.13
CA ASP B 213 -19.62 -28.40 -21.14
C ASP B 213 -19.67 -26.86 -21.17
N LEU B 214 -18.96 -26.28 -20.23
CA LEU B 214 -19.01 -24.87 -20.01
C LEU B 214 -18.49 -24.13 -21.20
N ILE B 215 -17.44 -24.64 -21.80
CA ILE B 215 -16.87 -24.02 -22.96
C ILE B 215 -17.81 -24.07 -24.14
N ALA B 216 -18.57 -25.17 -24.20
CA ALA B 216 -19.50 -25.27 -25.30
C ALA B 216 -20.58 -24.21 -25.11
N ALA B 217 -21.04 -24.04 -23.87
CA ALA B 217 -22.07 -23.12 -23.60
C ALA B 217 -21.62 -21.66 -23.92
N LEU B 218 -20.35 -21.36 -23.57
CA LEU B 218 -19.74 -20.05 -23.82
C LEU B 218 -19.66 -19.75 -25.29
N GLU B 219 -19.33 -20.77 -26.04
CA GLU B 219 -19.29 -20.64 -27.49
C GLU B 219 -20.66 -20.19 -28.01
N GLY B 220 -21.70 -20.63 -27.32
CA GLY B 220 -23.08 -20.21 -27.58
C GLY B 220 -23.53 -18.89 -26.97
N GLY B 221 -22.61 -18.07 -26.48
CA GLY B 221 -22.94 -16.74 -25.98
C GLY B 221 -23.57 -16.79 -24.60
N ASP B 222 -23.65 -17.97 -24.00
CA ASP B 222 -24.29 -18.07 -22.69
C ASP B 222 -23.18 -17.80 -21.68
N LEU B 223 -23.22 -16.65 -21.02
CA LEU B 223 -22.23 -16.26 -19.98
C LEU B 223 -22.49 -16.73 -18.54
N ALA B 224 -23.50 -17.57 -18.32
CA ALA B 224 -23.73 -18.12 -17.00
C ALA B 224 -22.49 -18.93 -16.64
N LEU B 225 -21.99 -18.75 -15.42
CA LEU B 225 -20.91 -19.55 -14.92
C LEU B 225 -21.38 -20.35 -13.70
N PRO B 226 -21.04 -21.65 -13.62
CA PRO B 226 -21.37 -22.53 -12.50
C PRO B 226 -20.84 -22.02 -11.19
N ASP B 227 -21.51 -22.32 -10.09
CA ASP B 227 -21.33 -21.55 -8.87
C ASP B 227 -20.79 -22.31 -7.66
N HIS B 228 -19.83 -23.19 -7.91
CA HIS B 228 -19.30 -24.09 -6.87
C HIS B 228 -18.42 -23.45 -5.79
N ALA B 229 -18.61 -23.87 -4.54
CA ALA B 229 -17.53 -23.81 -3.52
C ALA B 229 -16.19 -24.40 -4.04
N ALA B 230 -15.09 -23.68 -3.80
CA ALA B 230 -13.70 -24.13 -4.10
C ALA B 230 -13.10 -24.89 -2.92
N PRO B 231 -12.16 -25.84 -3.16
CA PRO B 231 -11.51 -26.55 -2.06
C PRO B 231 -10.56 -25.68 -1.20
N GLU B 232 -10.77 -25.73 0.10
CA GLU B 232 -9.91 -25.12 1.11
C GLU B 232 -8.46 -24.97 0.72
N GLY B 233 -7.96 -23.74 0.73
CA GLY B 233 -6.50 -23.55 0.60
C GLY B 233 -5.84 -23.08 1.89
N ARG B 234 -4.51 -22.93 1.88
CA ARG B 234 -3.73 -22.48 3.05
C ARG B 234 -3.91 -21.00 3.47
N LEU B 235 -4.21 -20.08 2.54
CA LEU B 235 -4.05 -18.63 2.82
C LEU B 235 -4.93 -18.05 3.94
N PRO B 236 -6.19 -18.48 4.03
CA PRO B 236 -6.92 -17.83 5.11
C PRO B 236 -6.25 -18.06 6.48
N VAL B 237 -5.68 -19.25 6.67
CA VAL B 237 -5.02 -19.63 7.92
C VAL B 237 -3.60 -19.04 8.04
N LEU B 238 -2.85 -18.95 6.95
CA LEU B 238 -1.47 -18.48 6.98
C LEU B 238 -1.32 -16.96 6.95
N GLN B 239 -2.41 -16.27 6.67
CA GLN B 239 -2.42 -14.84 6.38
C GLN B 239 -1.88 -14.01 7.55
N ASP B 240 -2.33 -14.31 8.76
CA ASP B 240 -1.83 -13.56 9.92
C ASP B 240 -0.31 -13.67 10.03
N GLU B 241 0.24 -14.89 9.87
CA GLU B 241 1.71 -15.07 9.91
C GLU B 241 2.46 -14.43 8.71
N ILE B 242 1.87 -14.58 7.53
CA ILE B 242 2.40 -13.89 6.38
C ILE B 242 2.40 -12.34 6.60
N ASP B 243 1.37 -11.77 7.22
CA ASP B 243 1.33 -10.31 7.44
C ASP B 243 2.38 -9.90 8.48
N ARG B 244 2.71 -10.79 9.41
CA ARG B 244 3.73 -10.51 10.38
C ARG B 244 5.10 -10.65 9.72
N LEU B 245 5.32 -11.75 9.03
CA LEU B 245 6.65 -12.04 8.51
C LEU B 245 7.11 -11.11 7.40
N PHE B 246 6.18 -10.65 6.58
CA PHE B 246 6.64 -9.89 5.38
C PHE B 246 6.41 -8.38 5.46
N ALA B 247 6.20 -7.89 6.67
CA ALA B 247 6.21 -6.46 6.95
C ALA B 247 7.59 -5.87 6.71
N GLY B 248 7.64 -4.56 6.44
CA GLY B 248 8.86 -3.80 6.39
C GLY B 248 9.67 -4.01 5.13
N THR B 249 11.00 -3.92 5.23
CA THR B 249 11.89 -4.01 4.06
C THR B 249 12.67 -5.35 4.09
N LEU B 250 13.44 -5.60 3.06
CA LEU B 250 14.32 -6.75 2.99
C LEU B 250 15.44 -6.77 3.99
N ALA B 251 15.75 -5.62 4.60
CA ALA B 251 16.75 -5.61 5.63
C ALA B 251 16.16 -6.25 6.84
N GLU B 252 14.84 -6.42 6.88
CA GLU B 252 14.21 -6.90 8.12
C GLU B 252 13.58 -8.30 7.94
N ILE B 253 13.19 -8.66 6.71
CA ILE B 253 12.36 -9.84 6.53
C ILE B 253 13.21 -11.13 6.80
N PRO B 254 14.41 -11.21 6.27
CA PRO B 254 15.15 -12.51 6.40
C PRO B 254 15.46 -12.88 7.85
N ALA B 255 15.86 -11.89 8.64
CA ALA B 255 16.16 -12.13 10.08
C ALA B 255 14.88 -12.46 10.83
N ARG B 256 13.75 -11.91 10.42
CA ARG B 256 12.49 -12.26 11.07
C ARG B 256 12.06 -13.69 10.71
N LEU B 257 12.29 -14.07 9.45
CA LEU B 257 12.04 -15.45 9.01
C LEU B 257 12.97 -16.49 9.75
N GLU B 258 14.23 -16.12 9.95
CA GLU B 258 15.19 -16.99 10.61
C GLU B 258 14.73 -17.33 11.99
N ALA B 259 14.25 -16.34 12.71
CA ALA B 259 13.78 -16.56 14.04
C ALA B 259 12.40 -17.16 14.13
N THR B 260 11.80 -17.59 13.02
CA THR B 260 10.52 -18.30 13.08
C THR B 260 10.68 -19.77 12.59
N ASP B 261 10.38 -20.70 13.49
CA ASP B 261 10.56 -22.13 13.26
C ASP B 261 9.25 -22.76 12.75
N THR B 262 8.81 -22.38 11.55
CA THR B 262 7.60 -22.95 10.92
C THR B 262 7.97 -23.42 9.52
N PRO B 263 7.15 -24.28 8.93
CA PRO B 263 7.43 -24.60 7.53
C PRO B 263 7.33 -23.34 6.62
N LEU B 264 6.42 -22.42 6.96
CA LEU B 264 6.18 -21.21 6.13
C LEU B 264 7.46 -20.39 6.04
N ALA B 265 7.97 -20.00 7.20
CA ALA B 265 9.17 -19.23 7.29
C ALA B 265 10.33 -19.89 6.61
N ALA B 266 10.46 -21.21 6.74
CA ALA B 266 11.73 -21.82 6.29
C ALA B 266 11.69 -22.04 4.78
N GLU B 267 10.53 -22.36 4.24
CA GLU B 267 10.39 -22.40 2.79
C GLU B 267 10.63 -21.01 2.13
N ALA B 268 10.16 -19.97 2.79
CA ALA B 268 10.33 -18.61 2.29
C ALA B 268 11.79 -18.22 2.40
N LEU B 269 12.39 -18.52 3.54
CA LEU B 269 13.78 -18.10 3.72
C LEU B 269 14.68 -18.76 2.71
N LYS B 270 14.38 -20.01 2.35
CA LYS B 270 15.21 -20.67 1.34
C LYS B 270 14.96 -20.07 -0.02
N ALA B 271 13.72 -19.72 -0.34
CA ALA B 271 13.51 -18.98 -1.61
C ALA B 271 14.26 -17.65 -1.66
N LEU B 272 14.23 -16.91 -0.57
CA LEU B 272 14.96 -15.66 -0.57
C LEU B 272 16.43 -15.93 -0.84
N ARG B 273 17.01 -16.89 -0.10
CA ARG B 273 18.43 -17.21 -0.28
C ARG B 273 18.85 -17.71 -1.64
N ARG B 274 17.99 -18.36 -2.40
CA ARG B 274 18.44 -18.81 -3.72
C ARG B 274 18.11 -17.83 -4.81
N SER B 275 17.25 -16.84 -4.57
CA SER B 275 16.87 -15.91 -5.65
C SER B 275 17.74 -14.70 -5.77
N SER B 276 17.64 -14.03 -6.92
CA SER B 276 18.38 -12.78 -7.14
C SER B 276 18.03 -11.59 -6.20
N PRO B 277 18.96 -11.21 -5.30
CA PRO B 277 18.72 -10.09 -4.35
C PRO B 277 18.17 -8.85 -5.07
N LEU B 278 18.72 -8.53 -6.21
CA LEU B 278 18.31 -7.36 -6.86
C LEU B 278 16.82 -7.42 -7.33
N ALA B 279 16.43 -8.53 -7.94
CA ALA B 279 15.04 -8.70 -8.34
C ALA B 279 14.14 -8.71 -7.12
N LEU B 280 14.57 -9.26 -5.99
CA LEU B 280 13.70 -9.27 -4.83
C LEU B 280 13.42 -7.85 -4.34
N ALA B 281 14.50 -7.07 -4.26
CA ALA B 281 14.43 -5.70 -3.79
C ALA B 281 13.55 -4.89 -4.70
N ALA B 282 13.76 -5.05 -6.00
CA ALA B 282 13.04 -4.29 -6.96
C ALA B 282 11.52 -4.69 -6.93
N THR B 283 11.26 -5.97 -6.73
CA THR B 283 9.89 -6.45 -6.60
C THR B 283 9.16 -5.81 -5.45
N LEU B 284 9.76 -5.87 -4.27
CA LEU B 284 9.21 -5.23 -3.11
C LEU B 284 8.99 -3.73 -3.35
N GLU B 285 9.93 -3.04 -3.97
CA GLU B 285 9.74 -1.62 -4.21
C GLU B 285 8.58 -1.35 -5.17
N ILE B 286 8.44 -2.15 -6.23
CA ILE B 286 7.30 -2.03 -7.11
C ILE B 286 5.96 -2.16 -6.38
N LEU B 287 5.81 -3.21 -5.56
CA LEU B 287 4.58 -3.49 -4.82
C LEU B 287 4.22 -2.32 -3.88
N GLN B 288 5.25 -1.79 -3.23
CA GLN B 288 5.10 -0.61 -2.42
C GLN B 288 4.70 0.65 -3.09
N ARG B 289 5.22 0.91 -4.27
CA ARG B 289 4.83 2.10 -5.01
C ARG B 289 3.45 1.92 -5.51
N LEU B 290 3.06 0.69 -5.85
CA LEU B 290 1.71 0.52 -6.39
C LEU B 290 0.63 0.66 -5.35
N GLY B 291 0.69 -0.07 -4.24
CA GLY B 291 -0.43 -0.16 -3.36
C GLY B 291 -1.54 -0.97 -3.98
N PRO B 292 -2.66 -1.13 -3.26
CA PRO B 292 -3.76 -1.85 -3.86
C PRO B 292 -4.64 -1.11 -4.82
N SER B 293 -4.52 0.19 -4.97
CA SER B 293 -5.54 0.91 -5.71
C SER B 293 -5.07 1.27 -7.13
N ALA B 294 -3.84 0.94 -7.49
CA ALA B 294 -3.32 1.39 -8.77
C ALA B 294 -3.93 0.57 -9.92
N GLY B 295 -4.02 1.17 -11.10
CA GLY B 295 -4.47 0.41 -12.27
C GLY B 295 -3.38 -0.47 -12.85
N ILE B 296 -3.76 -1.28 -13.81
CA ILE B 296 -2.80 -2.15 -14.47
C ILE B 296 -1.70 -1.41 -15.17
N ARG B 297 -2.03 -0.30 -15.78
CA ARG B 297 -0.99 0.42 -16.55
C ARG B 297 0.11 1.01 -15.69
N GLU B 298 -0.18 1.46 -14.46
CA GLU B 298 0.90 1.86 -13.51
C GLU B 298 1.83 0.69 -13.25
N ALA B 299 1.30 -0.52 -13.08
CA ALA B 299 2.18 -1.68 -12.83
C ALA B 299 3.00 -2.02 -14.09
N LEU B 300 2.35 -2.11 -15.23
CA LEU B 300 3.08 -2.44 -16.44
C LEU B 300 4.21 -1.41 -16.69
N ASP B 301 3.94 -0.13 -16.40
CA ASP B 301 4.97 0.93 -16.57
C ASP B 301 6.15 0.68 -15.65
N LEU B 302 5.89 0.32 -14.40
CA LEU B 302 6.99 0.04 -13.49
C LEU B 302 7.77 -1.22 -13.86
N GLU B 303 7.04 -2.26 -14.23
CA GLU B 303 7.69 -3.53 -14.58
C GLU B 303 8.62 -3.28 -15.79
N TYR B 304 8.16 -2.58 -16.80
CA TYR B 304 8.97 -2.31 -17.97
C TYR B 304 10.26 -1.53 -17.67
N ARG B 305 10.20 -0.66 -16.68
CA ARG B 305 11.39 0.07 -16.28
C ARG B 305 12.41 -0.89 -15.82
N PHE B 306 12.00 -1.91 -15.06
CA PHE B 306 12.96 -2.90 -14.64
C PHE B 306 13.41 -3.81 -15.79
N THR B 307 12.44 -4.33 -16.55
CA THR B 307 12.77 -5.35 -17.56
C THR B 307 13.50 -4.75 -18.80
N TYR B 308 13.14 -3.52 -19.17
CA TYR B 308 13.94 -2.80 -20.15
C TYR B 308 15.42 -2.73 -19.78
N ARG B 309 15.71 -2.56 -18.48
CA ARG B 309 17.11 -2.47 -18.03
C ARG B 309 17.75 -3.81 -17.55
N ALA B 310 16.98 -4.89 -17.43
CA ALA B 310 17.43 -6.10 -16.77
C ALA B 310 18.62 -6.87 -17.44
N GLN B 311 18.60 -6.93 -18.74
CA GLN B 311 19.66 -7.65 -19.45
C GLN B 311 21.00 -7.03 -19.12
N GLY B 312 21.11 -5.71 -19.24
CA GLY B 312 22.34 -4.98 -18.93
C GLY B 312 22.60 -4.67 -17.46
N GLN B 313 21.55 -4.44 -16.67
CA GLN B 313 21.86 -3.98 -15.30
C GLN B 313 21.33 -4.86 -14.18
N ALA B 314 20.66 -5.97 -14.50
CA ALA B 314 20.23 -6.91 -13.44
C ALA B 314 20.66 -8.38 -13.70
N ASP B 315 20.05 -9.31 -12.98
CA ASP B 315 20.55 -10.67 -12.90
C ASP B 315 19.93 -11.62 -13.94
N PHE B 316 19.23 -11.09 -14.93
CA PHE B 316 18.30 -11.91 -15.70
C PHE B 316 19.05 -12.92 -16.58
N LEU B 317 20.08 -12.46 -17.28
CA LEU B 317 20.76 -13.36 -18.23
C LEU B 317 21.36 -14.52 -17.50
N GLU B 318 21.99 -14.21 -16.39
CA GLU B 318 22.68 -15.21 -15.64
C GLU B 318 21.61 -16.11 -14.96
N GLY B 319 20.43 -15.54 -14.63
CA GLY B 319 19.33 -16.35 -14.06
C GLY B 319 18.82 -17.40 -15.00
N ILE B 320 18.66 -17.05 -16.25
CA ILE B 320 18.22 -18.09 -17.19
C ILE B 320 19.38 -19.02 -17.54
N ARG B 321 20.57 -18.46 -17.70
CA ARG B 321 21.73 -19.27 -17.98
C ARG B 321 21.74 -20.44 -17.02
N ALA B 322 21.63 -20.16 -15.72
CA ALA B 322 21.79 -21.18 -14.71
C ALA B 322 20.59 -22.16 -14.72
N ALA B 323 19.39 -21.63 -14.97
CA ALA B 323 18.14 -22.41 -14.78
C ALA B 323 17.70 -23.19 -15.99
N ILE B 324 18.11 -22.76 -17.17
CA ILE B 324 17.61 -23.40 -18.40
C ILE B 324 18.65 -23.64 -19.49
N ILE B 325 19.72 -22.88 -19.54
CA ILE B 325 20.71 -23.07 -20.60
C ILE B 325 21.75 -24.10 -20.15
N ASP B 326 22.50 -23.79 -19.11
CA ASP B 326 23.51 -24.69 -18.61
C ASP B 326 22.92 -25.62 -17.55
N LYS B 327 21.76 -25.26 -17.00
CA LYS B 327 21.06 -26.10 -16.03
C LYS B 327 21.93 -26.51 -14.87
N ASP B 328 22.95 -25.72 -14.59
CA ASP B 328 23.77 -25.97 -13.42
C ASP B 328 23.04 -25.54 -12.16
N ARG B 329 21.97 -24.74 -12.25
CA ARG B 329 21.30 -24.26 -11.01
C ARG B 329 22.30 -23.54 -10.07
N SER B 330 23.37 -22.96 -10.63
CA SER B 330 24.32 -22.15 -9.83
C SER B 330 24.38 -20.78 -10.44
N PRO B 331 23.37 -19.95 -10.16
CA PRO B 331 23.47 -18.62 -10.72
C PRO B 331 24.44 -17.78 -9.86
N ARG B 332 25.24 -16.96 -10.53
CA ARG B 332 26.13 -15.99 -9.86
C ARG B 332 25.44 -14.62 -9.83
N TRP B 333 24.81 -14.30 -8.70
CA TRP B 333 23.99 -13.07 -8.65
C TRP B 333 24.89 -11.89 -8.31
N ARG B 334 24.48 -10.67 -8.68
CA ARG B 334 25.30 -9.48 -8.45
C ARG B 334 25.44 -9.13 -6.99
N HIS B 335 24.66 -9.73 -6.10
CA HIS B 335 24.77 -9.48 -4.63
C HIS B 335 24.78 -10.79 -3.92
N GLY B 336 25.33 -10.82 -2.72
CA GLY B 336 25.41 -12.03 -1.95
C GLY B 336 24.19 -12.25 -1.10
N ASP B 337 23.46 -11.18 -0.82
CA ASP B 337 22.21 -11.30 -0.11
C ASP B 337 21.34 -10.04 -0.27
N PRO B 338 20.06 -10.14 0.11
CA PRO B 338 19.09 -9.02 0.20
C PRO B 338 19.68 -7.78 0.83
N GLU B 339 20.27 -7.96 2.00
CA GLU B 339 20.98 -6.86 2.68
C GLU B 339 22.01 -6.06 1.87
N ALA B 340 22.63 -6.66 0.87
CA ALA B 340 23.71 -6.01 0.12
C ALA B 340 23.24 -5.07 -0.94
N VAL B 341 21.97 -5.16 -1.31
CA VAL B 341 21.44 -4.32 -2.39
C VAL B 341 21.16 -2.94 -1.82
N ARG B 342 21.63 -1.90 -2.46
CA ARG B 342 21.48 -0.60 -1.82
C ARG B 342 20.32 0.12 -2.48
N PRO B 343 19.70 1.07 -1.73
CA PRO B 343 18.52 1.79 -2.19
C PRO B 343 18.69 2.45 -3.51
N GLU B 344 19.80 3.12 -3.75
CA GLU B 344 20.01 3.74 -5.05
C GLU B 344 20.15 2.72 -6.19
N GLU B 345 20.52 1.47 -5.89
CA GLU B 345 20.54 0.52 -7.01
C GLU B 345 19.06 0.26 -7.51
N VAL B 346 18.15 0.11 -6.57
CA VAL B 346 16.76 -0.19 -6.91
C VAL B 346 16.18 1.03 -7.58
N ALA B 347 16.43 2.22 -7.01
CA ALA B 347 15.91 3.46 -7.51
C ALA B 347 16.27 3.67 -8.94
N SER B 348 17.50 3.30 -9.27
CA SER B 348 17.96 3.48 -10.61
C SER B 348 17.27 2.49 -11.63
N LEU B 349 17.08 1.25 -11.22
CA LEU B 349 16.37 0.28 -12.09
C LEU B 349 14.92 0.69 -12.29
N LEU B 350 14.34 1.37 -11.30
CA LEU B 350 12.93 1.72 -11.39
C LEU B 350 12.70 3.21 -11.70
N ALA B 351 13.74 3.86 -12.19
CA ALA B 351 13.64 5.28 -12.63
C ALA B 351 12.87 5.38 -13.93
N PRO B 352 12.22 6.54 -14.17
CA PRO B 352 11.43 6.68 -15.39
C PRO B 352 12.33 6.47 -16.59
N LEU B 353 11.76 5.99 -17.69
CA LEU B 353 12.48 5.65 -18.88
C LEU B 353 12.50 6.80 -19.88
N GLY B 354 11.64 7.78 -19.67
CA GLY B 354 11.63 8.97 -20.50
C GLY B 354 11.24 8.54 -21.88
N PRO B 355 12.02 8.90 -22.92
CA PRO B 355 11.73 8.57 -24.34
C PRO B 355 11.46 7.08 -24.57
N GLN B 356 12.13 6.23 -23.80
CA GLN B 356 11.97 4.79 -23.92
C GLN B 356 10.78 4.20 -23.12
N ALA B 357 9.89 5.05 -22.61
CA ALA B 357 8.95 4.61 -21.57
C ALA B 357 7.88 3.79 -22.27
N LEU B 358 7.28 2.83 -21.55
CA LEU B 358 6.11 2.11 -22.07
C LEU B 358 4.99 3.05 -22.41
N THR B 359 4.34 2.85 -23.56
CA THR B 359 3.16 3.60 -23.98
C THR B 359 2.09 2.65 -24.52
N PHE B 360 0.88 3.14 -24.71
CA PHE B 360 -0.27 2.28 -25.10
C PHE B 360 -1.03 2.42 -26.49
#